data_1VTJ
# 
_entry.id   1VTJ 
# 
_audit_conform.dict_name       mmcif_pdbx.dic 
_audit_conform.dict_version    5.383 
_audit_conform.dict_location   http://mmcif.pdb.org/dictionaries/ascii/mmcif_pdbx.dic 
# 
loop_
_database_2.database_id 
_database_2.database_code 
_database_2.pdbx_database_accession 
_database_2.pdbx_DOI 
PDB   1VTJ         pdb_00001vtj 10.2210/pdb1vtj/pdb 
NDB   GDL001       ?            ?                   
RCSB  RCSB003043   ?            ?                   
WWPDB D_1000003043 ?            ?                   
# 
loop_
_pdbx_audit_revision_history.ordinal 
_pdbx_audit_revision_history.data_content_type 
_pdbx_audit_revision_history.major_revision 
_pdbx_audit_revision_history.minor_revision 
_pdbx_audit_revision_history.revision_date 
1 'Structure model' 1 0 2011-07-13 
2 'Structure model' 1 1 2023-12-27 
# 
_pdbx_audit_revision_details.ordinal             1 
_pdbx_audit_revision_details.revision_ordinal    1 
_pdbx_audit_revision_details.data_content_type   'Structure model' 
_pdbx_audit_revision_details.provider            repository 
_pdbx_audit_revision_details.type                'Initial release' 
_pdbx_audit_revision_details.description         ? 
_pdbx_audit_revision_details.details             ? 
# 
loop_
_pdbx_audit_revision_group.ordinal 
_pdbx_audit_revision_group.revision_ordinal 
_pdbx_audit_revision_group.data_content_type 
_pdbx_audit_revision_group.group 
1 2 'Structure model' 'Data collection'      
2 2 'Structure model' 'Database references'  
3 2 'Structure model' 'Derived calculations' 
# 
loop_
_pdbx_audit_revision_category.ordinal 
_pdbx_audit_revision_category.revision_ordinal 
_pdbx_audit_revision_category.data_content_type 
_pdbx_audit_revision_category.category 
1 2 'Structure model' chem_comp_atom 
2 2 'Structure model' chem_comp_bond 
3 2 'Structure model' database_2     
4 2 'Structure model' struct_site    
# 
loop_
_pdbx_audit_revision_item.ordinal 
_pdbx_audit_revision_item.revision_ordinal 
_pdbx_audit_revision_item.data_content_type 
_pdbx_audit_revision_item.item 
1 2 'Structure model' '_database_2.pdbx_DOI'                
2 2 'Structure model' '_database_2.pdbx_database_accession' 
3 2 'Structure model' '_struct_site.pdbx_auth_asym_id'      
4 2 'Structure model' '_struct_site.pdbx_auth_comp_id'      
5 2 'Structure model' '_struct_site.pdbx_auth_seq_id'       
# 
_pdbx_database_status.status_code                     REL 
_pdbx_database_status.entry_id                        1VTJ 
_pdbx_database_status.recvd_initial_deposition_date   1999-09-14 
_pdbx_database_status.deposit_site                    RCSB 
_pdbx_database_status.process_site                    RCSB 
_pdbx_database_status.SG_entry                        ? 
_pdbx_database_status.status_code_sf                  ? 
_pdbx_database_status.status_code_mr                  ? 
_pdbx_database_status.status_code_cs                  ? 
_pdbx_database_status.pdb_format_compatible           Y 
_pdbx_database_status.status_code_nmr_data            ? 
_pdbx_database_status.methods_development_category    ? 
# 
_pdbx_database_related.db_name        PDB 
_pdbx_database_related.db_id          1DNE 
_pdbx_database_related.details        '1DNE contains both conformations.' 
_pdbx_database_related.content_type   unspecified 
# 
loop_
_audit_author.name 
_audit_author.pdbx_ordinal 
'Coll, M.'            1 
'Aymami, J.'          2 
'Van Der Marel, G.A.' 3 
'Van Boom, J.H.'      4 
'Rich, A.'            5 
'Wang, A.H.-J.'       6 
# 
loop_
_citation.id 
_citation.title 
_citation.journal_abbrev 
_citation.journal_volume 
_citation.page_first 
_citation.page_last 
_citation.year 
_citation.journal_id_ASTM 
_citation.country 
_citation.journal_id_ISSN 
_citation.journal_id_CSD 
_citation.book_publisher 
_citation.pdbx_database_id_PubMed 
_citation.pdbx_database_id_DOI 
primary 'Molecular Structure of the Netropsin-d(CGCGATATCGCG) Complex: DNA Conformation in an Alternating AT Segment' Biochemistry 
28 310  320  1989 BICHAW US 0006-2960 0033 ? ? ? 
1       
;A Bifurcated Hydrogen-Bonded Conformation in the d(A.T) Base Pairs of the DNA Dodecamer d(CGCAAATTTGCG) and Its Complex with Distamycin
;
Proc.Natl.Acad.Sci.USA 84 8385 8389 1987 PNASA6 US 0027-8424 0040 ? ? ? 
2       'The Molecular Origin of DNA-Drug Specificity in Netropsin and Distamycin' Proc.Natl.Acad.Sci.USA 82 1376 1380 1985 PNASA6 
US 0027-8424 0040 ? ? ? 
# 
loop_
_citation_author.citation_id 
_citation_author.name 
_citation_author.ordinal 
_citation_author.identifier_ORCID 
primary 'Coll, M.'            1  ? 
primary 'Aymami, J.'          2  ? 
primary 'Van Der Marel, G.A.' 3  ? 
primary 'Van Boom, J.H.'      4  ? 
primary 'Rich, A.'            5  ? 
primary 'Wang, A.H.-J.'       6  ? 
1       'Coll, M.'            7  ? 
1       'Frederick, C.A.'     8  ? 
1       'Wang, A.H.-J.'       9  ? 
1       'Rich, A.'            10 ? 
2       'Kopka, M.L.'         11 ? 
2       'Yoon, C.'            12 ? 
2       'Goodsell, D.'        13 ? 
2       'Pjura, P.'           14 ? 
2       'Dickerson, R.E.'     15 ? 
# 
loop_
_entity.id 
_entity.type 
_entity.src_method 
_entity.pdbx_description 
_entity.formula_weight 
_entity.pdbx_number_of_molecules 
_entity.pdbx_ec 
_entity.pdbx_mutation 
_entity.pdbx_fragment 
_entity.details 
1 polymer     syn 
;DNA (5'-D(*CP*GP*CP*GP*AP*TP*AP*TP*CP*GP*CP*G)-3')
;
3663.392 2  ? ? ? ? 
2 non-polymer syn NETROPSIN                                            430.464  1  ? ? ? ? 
3 water       nat water                                                18.015   60 ? ? ? ? 
# 
_entity_poly.entity_id                      1 
_entity_poly.type                           polydeoxyribonucleotide 
_entity_poly.nstd_linkage                   no 
_entity_poly.nstd_monomer                   no 
_entity_poly.pdbx_seq_one_letter_code       '(DC)(DG)(DC)(DG)(DA)(DT)(DA)(DT)(DC)(DG)(DC)(DG)' 
_entity_poly.pdbx_seq_one_letter_code_can   CGCGATATCGCG 
_entity_poly.pdbx_strand_id                 A,B 
_entity_poly.pdbx_target_identifier         ? 
# 
loop_
_pdbx_entity_nonpoly.entity_id 
_pdbx_entity_nonpoly.name 
_pdbx_entity_nonpoly.comp_id 
2 NETROPSIN NT  
3 water     HOH 
# 
loop_
_entity_poly_seq.entity_id 
_entity_poly_seq.num 
_entity_poly_seq.mon_id 
_entity_poly_seq.hetero 
1 1  DC n 
1 2  DG n 
1 3  DC n 
1 4  DG n 
1 5  DA n 
1 6  DT n 
1 7  DA n 
1 8  DT n 
1 9  DC n 
1 10 DG n 
1 11 DC n 
1 12 DG n 
# 
loop_
_chem_comp.id 
_chem_comp.type 
_chem_comp.mon_nstd_flag 
_chem_comp.name 
_chem_comp.pdbx_synonyms 
_chem_comp.formula 
_chem_comp.formula_weight 
DA  'DNA linking' y "2'-DEOXYADENOSINE-5'-MONOPHOSPHATE" ? 'C10 H14 N5 O6 P' 331.222 
DC  'DNA linking' y "2'-DEOXYCYTIDINE-5'-MONOPHOSPHATE"  ? 'C9 H14 N3 O7 P'  307.197 
DG  'DNA linking' y "2'-DEOXYGUANOSINE-5'-MONOPHOSPHATE" ? 'C10 H14 N5 O7 P' 347.221 
DT  'DNA linking' y "THYMIDINE-5'-MONOPHOSPHATE"         ? 'C10 H15 N2 O8 P' 322.208 
HOH non-polymer   . WATER                                ? 'H2 O'            18.015  
NT  non-polymer   . NETROPSIN                            ? 'C18 H26 N10 O3'  430.464 
# 
loop_
_pdbx_poly_seq_scheme.asym_id 
_pdbx_poly_seq_scheme.entity_id 
_pdbx_poly_seq_scheme.seq_id 
_pdbx_poly_seq_scheme.mon_id 
_pdbx_poly_seq_scheme.ndb_seq_num 
_pdbx_poly_seq_scheme.pdb_seq_num 
_pdbx_poly_seq_scheme.auth_seq_num 
_pdbx_poly_seq_scheme.pdb_mon_id 
_pdbx_poly_seq_scheme.auth_mon_id 
_pdbx_poly_seq_scheme.pdb_strand_id 
_pdbx_poly_seq_scheme.pdb_ins_code 
_pdbx_poly_seq_scheme.hetero 
A 1 1  DC 1  1  1  DC C A . n 
A 1 2  DG 2  2  2  DG G A . n 
A 1 3  DC 3  3  3  DC C A . n 
A 1 4  DG 4  4  4  DG G A . n 
A 1 5  DA 5  5  5  DA A A . n 
A 1 6  DT 6  6  6  DT T A . n 
A 1 7  DA 7  7  7  DA A A . n 
A 1 8  DT 8  8  8  DT T A . n 
A 1 9  DC 9  9  9  DC C A . n 
A 1 10 DG 10 10 10 DG G A . n 
A 1 11 DC 11 11 11 DC C A . n 
A 1 12 DG 12 12 12 DG G A . n 
B 1 1  DC 1  13 13 DC C B . n 
B 1 2  DG 2  14 14 DG G B . n 
B 1 3  DC 3  15 15 DC C B . n 
B 1 4  DG 4  16 16 DG G B . n 
B 1 5  DA 5  17 17 DA A B . n 
B 1 6  DT 6  18 18 DT T B . n 
B 1 7  DA 7  19 19 DA A B . n 
B 1 8  DT 8  20 20 DT T B . n 
B 1 9  DC 9  21 21 DC C B . n 
B 1 10 DG 10 22 22 DG G B . n 
B 1 11 DC 11 23 23 DC C B . n 
B 1 12 DG 12 24 24 DG G B . n 
# 
loop_
_pdbx_nonpoly_scheme.asym_id 
_pdbx_nonpoly_scheme.entity_id 
_pdbx_nonpoly_scheme.mon_id 
_pdbx_nonpoly_scheme.ndb_seq_num 
_pdbx_nonpoly_scheme.pdb_seq_num 
_pdbx_nonpoly_scheme.auth_seq_num 
_pdbx_nonpoly_scheme.pdb_mon_id 
_pdbx_nonpoly_scheme.auth_mon_id 
_pdbx_nonpoly_scheme.pdb_strand_id 
_pdbx_nonpoly_scheme.pdb_ins_code 
C 2 NT  1  25 25 NT  NT  B . 
D 3 HOH 1  29 29 HOH HOH A . 
D 3 HOH 2  30 30 HOH HOH A . 
D 3 HOH 3  33 33 HOH HOH A . 
D 3 HOH 4  36 36 HOH HOH A . 
D 3 HOH 5  37 37 HOH HOH A . 
D 3 HOH 6  40 40 HOH HOH A . 
D 3 HOH 7  41 41 HOH HOH A . 
D 3 HOH 8  44 44 HOH HOH A . 
D 3 HOH 9  45 45 HOH HOH A . 
D 3 HOH 10 46 46 HOH HOH A . 
D 3 HOH 11 47 47 HOH HOH A . 
D 3 HOH 12 48 48 HOH HOH A . 
D 3 HOH 13 49 49 HOH HOH A . 
D 3 HOH 14 53 53 HOH HOH A . 
D 3 HOH 15 55 55 HOH HOH A . 
D 3 HOH 16 57 57 HOH HOH A . 
D 3 HOH 17 61 61 HOH HOH A . 
D 3 HOH 18 62 62 HOH HOH A . 
D 3 HOH 19 63 63 HOH HOH A . 
D 3 HOH 20 65 65 HOH HOH A . 
D 3 HOH 21 66 66 HOH HOH A . 
D 3 HOH 22 69 69 HOH HOH A . 
D 3 HOH 23 71 71 HOH HOH A . 
D 3 HOH 24 72 72 HOH HOH A . 
D 3 HOH 25 77 77 HOH HOH A . 
D 3 HOH 26 82 82 HOH HOH A . 
D 3 HOH 27 83 83 HOH HOH A . 
D 3 HOH 28 84 84 HOH HOH A . 
E 3 HOH 1  26 26 HOH HOH B . 
E 3 HOH 2  27 27 HOH HOH B . 
E 3 HOH 3  28 28 HOH HOH B . 
E 3 HOH 4  31 31 HOH HOH B . 
E 3 HOH 5  32 32 HOH HOH B . 
E 3 HOH 6  34 34 HOH HOH B . 
E 3 HOH 7  35 35 HOH HOH B . 
E 3 HOH 8  38 38 HOH HOH B . 
E 3 HOH 9  39 39 HOH HOH B . 
E 3 HOH 10 42 42 HOH HOH B . 
E 3 HOH 11 43 43 HOH HOH B . 
E 3 HOH 12 50 50 HOH HOH B . 
E 3 HOH 13 51 51 HOH HOH B . 
E 3 HOH 14 52 52 HOH HOH B . 
E 3 HOH 15 54 54 HOH HOH B . 
E 3 HOH 16 56 56 HOH HOH B . 
E 3 HOH 17 58 58 HOH HOH B . 
E 3 HOH 18 59 59 HOH HOH B . 
E 3 HOH 19 60 60 HOH HOH B . 
E 3 HOH 20 64 64 HOH HOH B . 
E 3 HOH 21 67 67 HOH HOH B . 
E 3 HOH 22 68 68 HOH HOH B . 
E 3 HOH 23 70 70 HOH HOH B . 
E 3 HOH 24 73 73 HOH HOH B . 
E 3 HOH 25 74 74 HOH HOH B . 
E 3 HOH 26 75 75 HOH HOH B . 
E 3 HOH 27 76 76 HOH HOH B . 
E 3 HOH 28 78 78 HOH HOH B . 
E 3 HOH 29 79 79 HOH HOH B . 
E 3 HOH 30 80 80 HOH HOH B . 
E 3 HOH 31 81 81 HOH HOH B . 
E 3 HOH 32 85 85 HOH HOH B . 
# 
_software.name             NUCLSQ 
_software.classification   refinement 
_software.version          . 
_software.citation_id      ? 
_software.pdbx_ordinal     1 
# 
_cell.entry_id           1VTJ 
_cell.length_a           25.480 
_cell.length_b           41.260 
_cell.length_c           66.880 
_cell.angle_alpha        90.00 
_cell.angle_beta         90.00 
_cell.angle_gamma        90.00 
_cell.Z_PDB              8 
_cell.pdbx_unique_axis   ? 
_cell.length_a_esd       ? 
_cell.length_b_esd       ? 
_cell.length_c_esd       ? 
_cell.angle_alpha_esd    ? 
_cell.angle_beta_esd     ? 
_cell.angle_gamma_esd    ? 
# 
_symmetry.entry_id                         1VTJ 
_symmetry.space_group_name_H-M             'P 21 21 21' 
_symmetry.pdbx_full_space_group_name_H-M   ? 
_symmetry.cell_setting                     ? 
_symmetry.Int_Tables_number                19 
_symmetry.space_group_name_Hall            ? 
# 
_exptl.entry_id          1VTJ 
_exptl.method            'X-RAY DIFFRACTION' 
_exptl.crystals_number   ? 
# 
_exptl_crystal.id                    1 
_exptl_crystal.density_meas          ? 
_exptl_crystal.density_percent_sol   48.73 
_exptl_crystal.density_Matthews      2.40 
_exptl_crystal.description           ? 
_exptl_crystal.F_000                 ? 
_exptl_crystal.preparation           ? 
# 
_exptl_crystal_grow.crystal_id      1 
_exptl_crystal_grow.method          'VAPOR DIFFUSION' 
_exptl_crystal_grow.temp            283.00 
_exptl_crystal_grow.temp_details    'ROOM TEMPERATURE' 
_exptl_crystal_grow.pH              6.50 
_exptl_crystal_grow.pdbx_details    'pH 6.50, VAPOR DIFFUSION, temperature 283.00K' 
_exptl_crystal_grow.pdbx_pH_range   . 
# 
loop_
_exptl_crystal_grow_comp.crystal_id 
_exptl_crystal_grow_comp.id 
_exptl_crystal_grow_comp.sol_id 
_exptl_crystal_grow_comp.name 
_exptl_crystal_grow_comp.volume 
_exptl_crystal_grow_comp.conc 
_exptl_crystal_grow_comp.details 
1 1 1 WATER           1  2  3  
1 2 1 MPD             4  5  6  
1 3 1 'NA CACODYLATE' 7  8  9  
1 4 1 MGCL2           10 11 12 
1 5 1 SPERMINE        13 14 15 
1 6 2 WATER           16 17 18 
1 7 2 MPD             19 20 21 
# 
_diffrn.id                     1 
_diffrn.ambient_temp           283.00 
_diffrn.ambient_temp_details   ? 
_diffrn.crystal_id             1 
# 
_diffrn_detector.diffrn_id              1 
_diffrn_detector.detector               DIFFRACTOMETER 
_diffrn_detector.type                   'NICOLET P3' 
_diffrn_detector.pdbx_collection_date   ? 
_diffrn_detector.details                ? 
# 
_diffrn_radiation.diffrn_id                        1 
_diffrn_radiation.wavelength_id                    1 
_diffrn_radiation.pdbx_monochromatic_or_laue_m_l   M 
_diffrn_radiation.monochromator                    ? 
_diffrn_radiation.pdbx_diffrn_protocol             'SINGLE WAVELENGTH' 
_diffrn_radiation.pdbx_scattering_type             x-ray 
# 
_diffrn_radiation_wavelength.id           1 
_diffrn_radiation_wavelength.wavelength   . 
_diffrn_radiation_wavelength.wt           1.0 
# 
_diffrn_source.diffrn_id                   1 
_diffrn_source.source                      ? 
_diffrn_source.type                        ? 
_diffrn_source.pdbx_synchrotron_site       ? 
_diffrn_source.pdbx_synchrotron_beamline   ? 
_diffrn_source.pdbx_wavelength             ? 
_diffrn_source.pdbx_wavelength_list        ? 
# 
_reflns.entry_id                     1VTJ 
_reflns.observed_criterion_sigma_I   1.000 
_reflns.observed_criterion_sigma_F   ? 
_reflns.d_resolution_low             ? 
_reflns.d_resolution_high            2.400 
_reflns.number_obs                   1848 
_reflns.number_all                   5696 
_reflns.percent_possible_obs         ? 
_reflns.pdbx_Rmerge_I_obs            ? 
_reflns.pdbx_Rsym_value              ? 
_reflns.pdbx_netI_over_sigmaI        ? 
_reflns.B_iso_Wilson_estimate        ? 
_reflns.pdbx_redundancy              ? 
_reflns.R_free_details               ? 
_reflns.pdbx_ordinal                 1 
_reflns.pdbx_diffrn_id               1 
_reflns.pdbx_chi_squared             ? 
_reflns.pdbx_scaling_rejects         ? 
# 
_refine.entry_id                                 1VTJ 
_refine.ls_number_reflns_obs                     1848 
_refine.ls_number_reflns_all                     ? 
_refine.pdbx_ls_sigma_I                          ? 
_refine.pdbx_ls_sigma_F                          2.000 
_refine.pdbx_data_cutoff_high_absF               ? 
_refine.pdbx_data_cutoff_low_absF                ? 
_refine.pdbx_data_cutoff_high_rms_absF           ? 
_refine.ls_d_res_low                             20.000 
_refine.ls_d_res_high                            2.400 
_refine.ls_percent_reflns_obs                    ? 
_refine.ls_R_factor_obs                          0.2020000 
_refine.ls_R_factor_all                          ? 
_refine.ls_R_factor_R_work                       ? 
_refine.ls_R_factor_R_free                       ? 
_refine.ls_R_factor_R_free_error                 ? 
_refine.ls_R_factor_R_free_error_details         ? 
_refine.ls_percent_reflns_R_free                 ? 
_refine.ls_number_reflns_R_free                  ? 
_refine.ls_number_parameters                     ? 
_refine.ls_number_restraints                     ? 
_refine.occupancy_min                            ? 
_refine.occupancy_max                            ? 
_refine.B_iso_mean                               ? 
_refine.aniso_B[1][1]                            ? 
_refine.aniso_B[2][2]                            ? 
_refine.aniso_B[3][3]                            ? 
_refine.aniso_B[1][2]                            ? 
_refine.aniso_B[1][3]                            ? 
_refine.aniso_B[2][3]                            ? 
_refine.solvent_model_details                    ? 
_refine.solvent_model_param_ksol                 ? 
_refine.solvent_model_param_bsol                 ? 
_refine.pdbx_ls_cross_valid_method               ? 
_refine.details                                  ? 
_refine.pdbx_starting_model                      ? 
_refine.pdbx_method_to_determine_struct          ? 
_refine.pdbx_isotropic_thermal_model             ? 
_refine.pdbx_stereochemistry_target_values       ? 
_refine.pdbx_stereochem_target_val_spec_case     ? 
_refine.pdbx_R_Free_selection_details            ? 
_refine.pdbx_overall_ESU_R_Free                  ? 
_refine.overall_SU_ML                            ? 
_refine.overall_SU_B                             ? 
_refine.ls_redundancy_reflns_obs                 ? 
_refine.correlation_coeff_Fo_to_Fc               ? 
_refine.correlation_coeff_Fo_to_Fc_free          ? 
_refine.pdbx_solvent_vdw_probe_radii             ? 
_refine.pdbx_solvent_ion_probe_radii             ? 
_refine.pdbx_solvent_shrinkage_radii             ? 
_refine.overall_SU_R_Cruickshank_DPI             ? 
_refine.overall_SU_R_free                        ? 
_refine.pdbx_diffrn_id                           1 
_refine.pdbx_refine_id                           'X-RAY DIFFRACTION' 
_refine.pdbx_overall_phase_error                 ? 
_refine.ls_wR_factor_R_free                      ? 
_refine.ls_wR_factor_R_work                      ? 
_refine.overall_FOM_free_R_set                   ? 
_refine.overall_FOM_work_R_set                   ? 
_refine.pdbx_overall_ESU_R                       ? 
_refine.pdbx_TLS_residual_ADP_flag               ? 
_refine.pdbx_overall_SU_R_free_Cruickshank_DPI   ? 
_refine.pdbx_overall_SU_R_Blow_DPI               ? 
_refine.pdbx_overall_SU_R_free_Blow_DPI          ? 
# 
_refine_hist.pdbx_refine_id                   'X-RAY DIFFRACTION' 
_refine_hist.cycle_id                         LAST 
_refine_hist.pdbx_number_atoms_protein        0 
_refine_hist.pdbx_number_atoms_nucleic_acid   486 
_refine_hist.pdbx_number_atoms_ligand         31 
_refine_hist.number_atoms_solvent             60 
_refine_hist.number_atoms_total               577 
_refine_hist.d_res_high                       2.400 
_refine_hist.d_res_low                        20.000 
# 
_struct.entry_id                  1VTJ 
_struct.title                     
'MOLECULAR STRUCTURE OF THE NETROPSIN-D(CGCGATATCGCG) COMPLEX: DNA CONFORMATION IN AN ALTERNATING AT SEGMENT; CONFORMATION 1' 
_struct.pdbx_model_details        ? 
_struct.pdbx_CASP_flag            ? 
_struct.pdbx_model_type_details   ? 
# 
_struct_keywords.entry_id        1VTJ 
_struct_keywords.pdbx_keywords   DNA 
_struct_keywords.text            'B-DNA, DOUBLE HELIX, COMPLEXED WITH DRUG, DNA' 
# 
loop_
_struct_asym.id 
_struct_asym.pdbx_blank_PDB_chainid_flag 
_struct_asym.pdbx_modified 
_struct_asym.entity_id 
_struct_asym.details 
A N N 1 ? 
B N N 1 ? 
C N N 2 ? 
D N N 3 ? 
E N N 3 ? 
# 
_struct_ref.id                         1 
_struct_ref.db_name                    PDB 
_struct_ref.db_code                    1VTJ 
_struct_ref.pdbx_db_accession          1VTJ 
_struct_ref.entity_id                  1 
_struct_ref.pdbx_align_begin           ? 
_struct_ref.pdbx_seq_one_letter_code   ? 
_struct_ref.pdbx_db_isoform            ? 
# 
loop_
_struct_ref_seq.align_id 
_struct_ref_seq.ref_id 
_struct_ref_seq.pdbx_PDB_id_code 
_struct_ref_seq.pdbx_strand_id 
_struct_ref_seq.seq_align_beg 
_struct_ref_seq.pdbx_seq_align_beg_ins_code 
_struct_ref_seq.seq_align_end 
_struct_ref_seq.pdbx_seq_align_end_ins_code 
_struct_ref_seq.pdbx_db_accession 
_struct_ref_seq.db_align_beg 
_struct_ref_seq.pdbx_db_align_beg_ins_code 
_struct_ref_seq.db_align_end 
_struct_ref_seq.pdbx_db_align_end_ins_code 
_struct_ref_seq.pdbx_auth_seq_align_beg 
_struct_ref_seq.pdbx_auth_seq_align_end 
1 1 1VTJ A 1 ? 12 ? 1VTJ 1  ? 12 ? 1  12 
2 1 1VTJ B 1 ? 12 ? 1VTJ 13 ? 24 ? 13 24 
# 
_pdbx_struct_assembly.id                   1 
_pdbx_struct_assembly.details              author_and_software_defined_assembly 
_pdbx_struct_assembly.method_details       PISA 
_pdbx_struct_assembly.oligomeric_details   dimeric 
_pdbx_struct_assembly.oligomeric_count     2 
# 
loop_
_pdbx_struct_assembly_prop.biol_id 
_pdbx_struct_assembly_prop.type 
_pdbx_struct_assembly_prop.value 
_pdbx_struct_assembly_prop.details 
1 'ABSA (A^2)' 1190 ? 
1 MORE         0    ? 
1 'SSA (A^2)'  5140 ? 
# 
_pdbx_struct_assembly_gen.assembly_id       1 
_pdbx_struct_assembly_gen.oper_expression   1 
_pdbx_struct_assembly_gen.asym_id_list      A,B,C,D,E 
# 
_pdbx_struct_oper_list.id                   1 
_pdbx_struct_oper_list.type                 'identity operation' 
_pdbx_struct_oper_list.name                 1_555 
_pdbx_struct_oper_list.symmetry_operation   x,y,z 
_pdbx_struct_oper_list.matrix[1][1]         1.0000000000 
_pdbx_struct_oper_list.matrix[1][2]         0.0000000000 
_pdbx_struct_oper_list.matrix[1][3]         0.0000000000 
_pdbx_struct_oper_list.vector[1]            0.0000000000 
_pdbx_struct_oper_list.matrix[2][1]         0.0000000000 
_pdbx_struct_oper_list.matrix[2][2]         1.0000000000 
_pdbx_struct_oper_list.matrix[2][3]         0.0000000000 
_pdbx_struct_oper_list.vector[2]            0.0000000000 
_pdbx_struct_oper_list.matrix[3][1]         0.0000000000 
_pdbx_struct_oper_list.matrix[3][2]         0.0000000000 
_pdbx_struct_oper_list.matrix[3][3]         1.0000000000 
_pdbx_struct_oper_list.vector[3]            0.0000000000 
# 
_struct_biol.id                    1 
_struct_biol.pdbx_parent_biol_id   ? 
_struct_biol.details               ? 
# 
loop_
_struct_conn.id 
_struct_conn.conn_type_id 
_struct_conn.pdbx_leaving_atom_flag 
_struct_conn.pdbx_PDB_id 
_struct_conn.ptnr1_label_asym_id 
_struct_conn.ptnr1_label_comp_id 
_struct_conn.ptnr1_label_seq_id 
_struct_conn.ptnr1_label_atom_id 
_struct_conn.pdbx_ptnr1_label_alt_id 
_struct_conn.pdbx_ptnr1_PDB_ins_code 
_struct_conn.pdbx_ptnr1_standard_comp_id 
_struct_conn.ptnr1_symmetry 
_struct_conn.ptnr2_label_asym_id 
_struct_conn.ptnr2_label_comp_id 
_struct_conn.ptnr2_label_seq_id 
_struct_conn.ptnr2_label_atom_id 
_struct_conn.pdbx_ptnr2_label_alt_id 
_struct_conn.pdbx_ptnr2_PDB_ins_code 
_struct_conn.ptnr1_auth_asym_id 
_struct_conn.ptnr1_auth_comp_id 
_struct_conn.ptnr1_auth_seq_id 
_struct_conn.ptnr2_auth_asym_id 
_struct_conn.ptnr2_auth_comp_id 
_struct_conn.ptnr2_auth_seq_id 
_struct_conn.ptnr2_symmetry 
_struct_conn.pdbx_ptnr3_label_atom_id 
_struct_conn.pdbx_ptnr3_label_seq_id 
_struct_conn.pdbx_ptnr3_label_comp_id 
_struct_conn.pdbx_ptnr3_label_asym_id 
_struct_conn.pdbx_ptnr3_label_alt_id 
_struct_conn.pdbx_ptnr3_PDB_ins_code 
_struct_conn.details 
_struct_conn.pdbx_dist_value 
_struct_conn.pdbx_value_order 
_struct_conn.pdbx_role 
hydrog1  hydrog ? ? A DC 1  N3 ? ? ? 1_555 B DG 12 N1 ? ? A DC 1  B DG 24 1_555 ? ? ? ? ? ? WATSON-CRICK ? ? ? 
hydrog2  hydrog ? ? A DC 1  N4 ? ? ? 1_555 B DG 12 O6 ? ? A DC 1  B DG 24 1_555 ? ? ? ? ? ? WATSON-CRICK ? ? ? 
hydrog3  hydrog ? ? A DC 1  O2 ? ? ? 1_555 B DG 12 N2 ? ? A DC 1  B DG 24 1_555 ? ? ? ? ? ? WATSON-CRICK ? ? ? 
hydrog4  hydrog ? ? A DG 2  N1 ? ? ? 1_555 B DC 11 N3 ? ? A DG 2  B DC 23 1_555 ? ? ? ? ? ? WATSON-CRICK ? ? ? 
hydrog5  hydrog ? ? A DG 2  N2 ? ? ? 1_555 B DC 11 O2 ? ? A DG 2  B DC 23 1_555 ? ? ? ? ? ? WATSON-CRICK ? ? ? 
hydrog6  hydrog ? ? A DG 2  O6 ? ? ? 1_555 B DC 11 N4 ? ? A DG 2  B DC 23 1_555 ? ? ? ? ? ? WATSON-CRICK ? ? ? 
hydrog7  hydrog ? ? A DC 3  N3 ? ? ? 1_555 B DG 10 N1 ? ? A DC 3  B DG 22 1_555 ? ? ? ? ? ? WATSON-CRICK ? ? ? 
hydrog8  hydrog ? ? A DC 3  N4 ? ? ? 1_555 B DG 10 O6 ? ? A DC 3  B DG 22 1_555 ? ? ? ? ? ? WATSON-CRICK ? ? ? 
hydrog9  hydrog ? ? A DC 3  O2 ? ? ? 1_555 B DG 10 N2 ? ? A DC 3  B DG 22 1_555 ? ? ? ? ? ? WATSON-CRICK ? ? ? 
hydrog10 hydrog ? ? A DG 4  N1 ? ? ? 1_555 B DC 9  N3 ? ? A DG 4  B DC 21 1_555 ? ? ? ? ? ? WATSON-CRICK ? ? ? 
hydrog11 hydrog ? ? A DG 4  N2 ? ? ? 1_555 B DC 9  O2 ? ? A DG 4  B DC 21 1_555 ? ? ? ? ? ? WATSON-CRICK ? ? ? 
hydrog12 hydrog ? ? A DG 4  O6 ? ? ? 1_555 B DC 9  N4 ? ? A DG 4  B DC 21 1_555 ? ? ? ? ? ? WATSON-CRICK ? ? ? 
hydrog13 hydrog ? ? A DA 5  N1 ? ? ? 1_555 B DT 8  N3 ? ? A DA 5  B DT 20 1_555 ? ? ? ? ? ? WATSON-CRICK ? ? ? 
hydrog14 hydrog ? ? A DA 5  N6 ? ? ? 1_555 B DT 8  O4 ? ? A DA 5  B DT 20 1_555 ? ? ? ? ? ? WATSON-CRICK ? ? ? 
hydrog15 hydrog ? ? A DT 6  N3 ? ? ? 1_555 B DA 7  N1 ? ? A DT 6  B DA 19 1_555 ? ? ? ? ? ? WATSON-CRICK ? ? ? 
hydrog16 hydrog ? ? A DT 6  O4 ? ? ? 1_555 B DA 7  N6 ? ? A DT 6  B DA 19 1_555 ? ? ? ? ? ? WATSON-CRICK ? ? ? 
hydrog17 hydrog ? ? A DA 7  N1 ? ? ? 1_555 B DT 6  N3 ? ? A DA 7  B DT 18 1_555 ? ? ? ? ? ? WATSON-CRICK ? ? ? 
hydrog18 hydrog ? ? A DA 7  N6 ? ? ? 1_555 B DT 6  O4 ? ? A DA 7  B DT 18 1_555 ? ? ? ? ? ? WATSON-CRICK ? ? ? 
hydrog19 hydrog ? ? A DT 8  N3 ? ? ? 1_555 B DA 5  N1 ? ? A DT 8  B DA 17 1_555 ? ? ? ? ? ? WATSON-CRICK ? ? ? 
hydrog20 hydrog ? ? A DT 8  O4 ? ? ? 1_555 B DA 5  N6 ? ? A DT 8  B DA 17 1_555 ? ? ? ? ? ? WATSON-CRICK ? ? ? 
hydrog21 hydrog ? ? A DC 9  N3 ? ? ? 1_555 B DG 4  N1 ? ? A DC 9  B DG 16 1_555 ? ? ? ? ? ? WATSON-CRICK ? ? ? 
hydrog22 hydrog ? ? A DC 9  N4 ? ? ? 1_555 B DG 4  O6 ? ? A DC 9  B DG 16 1_555 ? ? ? ? ? ? WATSON-CRICK ? ? ? 
hydrog23 hydrog ? ? A DC 9  O2 ? ? ? 1_555 B DG 4  N2 ? ? A DC 9  B DG 16 1_555 ? ? ? ? ? ? WATSON-CRICK ? ? ? 
hydrog24 hydrog ? ? A DG 10 N1 ? ? ? 1_555 B DC 3  N3 ? ? A DG 10 B DC 15 1_555 ? ? ? ? ? ? WATSON-CRICK ? ? ? 
hydrog25 hydrog ? ? A DG 10 N2 ? ? ? 1_555 B DC 3  O2 ? ? A DG 10 B DC 15 1_555 ? ? ? ? ? ? WATSON-CRICK ? ? ? 
hydrog26 hydrog ? ? A DG 10 O6 ? ? ? 1_555 B DC 3  N4 ? ? A DG 10 B DC 15 1_555 ? ? ? ? ? ? WATSON-CRICK ? ? ? 
hydrog27 hydrog ? ? A DC 11 N3 ? ? ? 1_555 B DG 2  N1 ? ? A DC 11 B DG 14 1_555 ? ? ? ? ? ? WATSON-CRICK ? ? ? 
hydrog28 hydrog ? ? A DC 11 N4 ? ? ? 1_555 B DG 2  O6 ? ? A DC 11 B DG 14 1_555 ? ? ? ? ? ? WATSON-CRICK ? ? ? 
hydrog29 hydrog ? ? A DC 11 O2 ? ? ? 1_555 B DG 2  N2 ? ? A DC 11 B DG 14 1_555 ? ? ? ? ? ? WATSON-CRICK ? ? ? 
hydrog30 hydrog ? ? A DG 12 N1 ? ? ? 1_555 B DC 1  N3 ? ? A DG 12 B DC 13 1_555 ? ? ? ? ? ? WATSON-CRICK ? ? ? 
hydrog31 hydrog ? ? A DG 12 N2 ? ? ? 1_555 B DC 1  O2 ? ? A DG 12 B DC 13 1_555 ? ? ? ? ? ? WATSON-CRICK ? ? ? 
hydrog32 hydrog ? ? A DG 12 O6 ? ? ? 1_555 B DC 1  N4 ? ? A DG 12 B DC 13 1_555 ? ? ? ? ? ? WATSON-CRICK ? ? ? 
# 
_struct_conn_type.id          hydrog 
_struct_conn_type.criteria    ? 
_struct_conn_type.reference   ? 
# 
loop_
_struct_site.id 
_struct_site.pdbx_evidence_code 
_struct_site.pdbx_auth_asym_id 
_struct_site.pdbx_auth_comp_id 
_struct_site.pdbx_auth_seq_id 
_struct_site.pdbx_auth_ins_code 
_struct_site.pdbx_num_residues 
_struct_site.details 
AC1 Software B NT 25 ? 13 'BINDING SITE FOR RESIDUE NT B 25' 
1   ?        ? ?  ?  ? ?  ?                                  
# 
loop_
_struct_site_gen.id 
_struct_site_gen.site_id 
_struct_site_gen.pdbx_num_res 
_struct_site_gen.label_comp_id 
_struct_site_gen.label_asym_id 
_struct_site_gen.label_seq_id 
_struct_site_gen.pdbx_auth_ins_code 
_struct_site_gen.auth_comp_id 
_struct_site_gen.auth_asym_id 
_struct_site_gen.auth_seq_id 
_struct_site_gen.label_atom_id 
_struct_site_gen.label_alt_id 
_struct_site_gen.symmetry 
_struct_site_gen.details 
1  AC1 13 DG A 4  ? DG A 4  . ? 1_555 ? 
2  AC1 13 DA A 5  ? DA A 5  . ? 1_555 ? 
3  AC1 13 DT A 6  ? DT A 6  . ? 1_555 ? 
4  AC1 13 DA A 7  ? DA A 7  . ? 1_555 ? 
5  AC1 13 DT A 8  ? DT A 8  . ? 1_555 ? 
6  AC1 13 DC A 9  ? DC A 9  . ? 1_555 ? 
7  AC1 13 DG B 4  ? DG B 16 . ? 1_555 ? 
8  AC1 13 DA B 5  ? DA B 17 . ? 1_555 ? 
9  AC1 13 DT B 6  ? DT B 18 . ? 1_555 ? 
10 AC1 13 DA B 7  ? DA B 19 . ? 1_555 ? 
11 AC1 13 DT B 8  ? DT B 20 . ? 1_555 ? 
12 AC1 13 DC B 9  ? DC B 21 . ? 1_555 ? 
13 AC1 13 DG B 10 ? DG B 22 . ? 1_555 ? 
# 
_pdbx_validate_symm_contact.id                1 
_pdbx_validate_symm_contact.PDB_model_num     1 
_pdbx_validate_symm_contact.auth_atom_id_1    "O3'" 
_pdbx_validate_symm_contact.auth_asym_id_1    A 
_pdbx_validate_symm_contact.auth_comp_id_1    DG 
_pdbx_validate_symm_contact.auth_seq_id_1     12 
_pdbx_validate_symm_contact.PDB_ins_code_1    ? 
_pdbx_validate_symm_contact.label_alt_id_1    ? 
_pdbx_validate_symm_contact.site_symmetry_1   1_555 
_pdbx_validate_symm_contact.auth_atom_id_2    N2 
_pdbx_validate_symm_contact.auth_asym_id_2    B 
_pdbx_validate_symm_contact.auth_comp_id_2    DG 
_pdbx_validate_symm_contact.auth_seq_id_2     22 
_pdbx_validate_symm_contact.PDB_ins_code_2    ? 
_pdbx_validate_symm_contact.label_alt_id_2    ? 
_pdbx_validate_symm_contact.site_symmetry_2   2_664 
_pdbx_validate_symm_contact.dist              1.75 
# 
loop_
_pdbx_validate_rmsd_bond.id 
_pdbx_validate_rmsd_bond.PDB_model_num 
_pdbx_validate_rmsd_bond.auth_atom_id_1 
_pdbx_validate_rmsd_bond.auth_asym_id_1 
_pdbx_validate_rmsd_bond.auth_comp_id_1 
_pdbx_validate_rmsd_bond.auth_seq_id_1 
_pdbx_validate_rmsd_bond.PDB_ins_code_1 
_pdbx_validate_rmsd_bond.label_alt_id_1 
_pdbx_validate_rmsd_bond.auth_atom_id_2 
_pdbx_validate_rmsd_bond.auth_asym_id_2 
_pdbx_validate_rmsd_bond.auth_comp_id_2 
_pdbx_validate_rmsd_bond.auth_seq_id_2 
_pdbx_validate_rmsd_bond.PDB_ins_code_2 
_pdbx_validate_rmsd_bond.label_alt_id_2 
_pdbx_validate_rmsd_bond.bond_value 
_pdbx_validate_rmsd_bond.bond_target_value 
_pdbx_validate_rmsd_bond.bond_deviation 
_pdbx_validate_rmsd_bond.bond_standard_deviation 
_pdbx_validate_rmsd_bond.linker_flag 
1  1 N3    A DC 1  ? ? C4    A DC 1  ? ? 1.397 1.335 0.062  0.007 N 
2  1 P     A DG 2  ? ? "O5'" A DG 2  ? ? 1.511 1.593 -0.082 0.010 N 
3  1 "C2'" A DG 2  ? ? "C1'" A DG 2  ? ? 1.584 1.519 0.065  0.010 N 
4  1 P     A DC 3  ? ? "O5'" A DC 3  ? ? 1.509 1.593 -0.084 0.010 N 
5  1 "O4'" A DC 3  ? ? "C1'" A DC 3  ? ? 1.507 1.420 0.087  0.011 N 
6  1 P     A DG 4  ? ? OP2   A DG 4  ? ? 1.645 1.485 0.160  0.017 N 
7  1 P     A DG 4  ? ? "O5'" A DG 4  ? ? 1.497 1.593 -0.096 0.010 N 
8  1 "O3'" A DA 5  ? ? P     A DT 6  ? ? 1.468 1.607 -0.139 0.012 Y 
9  1 P     A DT 6  ? ? "O5'" A DT 6  ? ? 1.702 1.593 0.109  0.010 N 
10 1 "O3'" A DA 7  ? ? P     A DT 8  ? ? 1.681 1.607 0.074  0.012 Y 
11 1 P     A DT 8  ? ? "O5'" A DT 8  ? ? 1.726 1.593 0.133  0.010 N 
12 1 P     A DC 9  ? ? OP1   A DC 9  ? ? 1.595 1.485 0.110  0.017 N 
13 1 P     A DG 10 ? ? "O5'" A DG 10 ? ? 1.723 1.593 0.130  0.010 N 
14 1 "O3'" A DC 11 ? ? P     A DG 12 ? ? 1.767 1.607 0.160  0.012 Y 
15 1 P     B DG 16 ? ? OP1   B DG 16 ? ? 1.626 1.485 0.141  0.017 N 
16 1 P     B DG 16 ? ? "O5'" B DG 16 ? ? 1.454 1.593 -0.139 0.010 N 
17 1 "O4'" B DG 16 ? ? "C1'" B DG 16 ? ? 1.513 1.420 0.093  0.011 N 
18 1 "O3'" B DA 17 ? ? P     B DT 18 ? ? 1.691 1.607 0.084  0.012 Y 
19 1 P     B DT 18 ? ? "O5'" B DT 18 ? ? 1.663 1.593 0.070  0.010 N 
20 1 "O5'" B DA 19 ? ? "C5'" B DA 19 ? ? 1.537 1.440 0.097  0.016 N 
21 1 "C2'" B DA 19 ? ? "C1'" B DA 19 ? ? 1.439 1.518 -0.079 0.010 N 
22 1 "O4'" B DA 19 ? ? "C1'" B DA 19 ? ? 1.505 1.420 0.085  0.011 N 
23 1 N9    B DA 19 ? ? C4    B DA 19 ? ? 1.323 1.374 -0.051 0.006 N 
24 1 P     B DT 20 ? ? "O5'" B DT 20 ? ? 1.665 1.593 0.072  0.010 N 
25 1 P     B DC 21 ? ? "O5'" B DC 21 ? ? 1.686 1.593 0.093  0.010 N 
26 1 "O5'" B DC 21 ? ? "C5'" B DC 21 ? ? 1.556 1.440 0.116  0.016 N 
27 1 P     B DG 22 ? ? OP1   B DG 22 ? ? 1.617 1.485 0.132  0.017 N 
28 1 P     B DG 22 ? ? OP2   B DG 22 ? ? 1.380 1.485 -0.105 0.017 N 
29 1 P     B DG 22 ? ? "O5'" B DG 22 ? ? 1.675 1.593 0.082  0.010 N 
30 1 P     B DG 24 ? ? OP1   B DG 24 ? ? 1.597 1.485 0.112  0.017 N 
31 1 "O4'" B DG 24 ? ? "C1'" B DG 24 ? ? 1.511 1.420 0.091  0.011 N 
# 
loop_
_pdbx_validate_rmsd_angle.id 
_pdbx_validate_rmsd_angle.PDB_model_num 
_pdbx_validate_rmsd_angle.auth_atom_id_1 
_pdbx_validate_rmsd_angle.auth_asym_id_1 
_pdbx_validate_rmsd_angle.auth_comp_id_1 
_pdbx_validate_rmsd_angle.auth_seq_id_1 
_pdbx_validate_rmsd_angle.PDB_ins_code_1 
_pdbx_validate_rmsd_angle.label_alt_id_1 
_pdbx_validate_rmsd_angle.auth_atom_id_2 
_pdbx_validate_rmsd_angle.auth_asym_id_2 
_pdbx_validate_rmsd_angle.auth_comp_id_2 
_pdbx_validate_rmsd_angle.auth_seq_id_2 
_pdbx_validate_rmsd_angle.PDB_ins_code_2 
_pdbx_validate_rmsd_angle.label_alt_id_2 
_pdbx_validate_rmsd_angle.auth_atom_id_3 
_pdbx_validate_rmsd_angle.auth_asym_id_3 
_pdbx_validate_rmsd_angle.auth_comp_id_3 
_pdbx_validate_rmsd_angle.auth_seq_id_3 
_pdbx_validate_rmsd_angle.PDB_ins_code_3 
_pdbx_validate_rmsd_angle.label_alt_id_3 
_pdbx_validate_rmsd_angle.angle_value 
_pdbx_validate_rmsd_angle.angle_target_value 
_pdbx_validate_rmsd_angle.angle_deviation 
_pdbx_validate_rmsd_angle.angle_standard_deviation 
_pdbx_validate_rmsd_angle.linker_flag 
1   1 "C3'" A DC 1  ? ? "O3'" A DC 1  ? ? P     A DG 2  ? ? 130.25 119.70 10.55  1.20 Y 
2   1 OP1   A DG 2  ? ? P     A DG 2  ? ? OP2   A DG 2  ? ? 105.31 119.60 -14.29 1.50 N 
3   1 "O5'" A DG 2  ? ? "C5'" A DG 2  ? ? "C4'" A DG 2  ? ? 104.38 109.40 -5.02  0.80 N 
4   1 "O4'" A DG 2  ? ? "C1'" A DG 2  ? ? N9    A DG 2  ? ? 120.32 108.30 12.02  0.30 N 
5   1 N1    A DG 2  ? ? C2    A DG 2  ? ? N3    A DG 2  ? ? 127.90 123.90 4.00   0.60 N 
6   1 N3    A DG 2  ? ? C2    A DG 2  ? ? N2    A DG 2  ? ? 115.66 119.90 -4.24  0.70 N 
7   1 N1    A DG 2  ? ? C6    A DG 2  ? ? O6    A DG 2  ? ? 127.93 119.90 8.03   0.60 N 
8   1 C5    A DG 2  ? ? C6    A DG 2  ? ? O6    A DG 2  ? ? 118.72 128.60 -9.88  0.60 N 
9   1 "C3'" A DG 2  ? ? "O3'" A DG 2  ? ? P     A DC 3  ? ? 128.03 119.70 8.33   1.20 Y 
10  1 "O3'" A DG 2  ? ? P     A DC 3  ? ? "O5'" A DC 3  ? ? 115.83 104.00 11.83  1.90 Y 
11  1 OP1   A DC 3  ? ? P     A DC 3  ? ? OP2   A DC 3  ? ? 105.11 119.60 -14.49 1.50 N 
12  1 "O5'" A DC 3  ? ? "C5'" A DC 3  ? ? "C4'" A DC 3  ? ? 104.33 109.40 -5.07  0.80 N 
13  1 P     A DC 3  ? ? "O5'" A DC 3  ? ? "C5'" A DC 3  ? ? 109.69 120.90 -11.21 1.60 N 
14  1 "O4'" A DC 3  ? ? "C4'" A DC 3  ? ? "C3'" A DC 3  ? ? 100.63 104.50 -3.87  0.40 N 
15  1 "C1'" A DC 3  ? ? "O4'" A DC 3  ? ? "C4'" A DC 3  ? ? 102.09 110.10 -8.01  1.00 N 
16  1 "O4'" A DC 3  ? ? "C1'" A DC 3  ? ? N1    A DC 3  ? ? 100.17 108.00 -7.83  0.70 N 
17  1 N3    A DC 3  ? ? C2    A DC 3  ? ? O2    A DC 3  ? ? 126.24 121.90 4.34   0.70 N 
18  1 "C3'" A DC 3  ? ? "O3'" A DC 3  ? ? P     A DG 4  ? ? 110.11 119.70 -9.59  1.20 Y 
19  1 OP1   A DG 4  ? ? P     A DG 4  ? ? OP2   A DG 4  ? ? 103.11 119.60 -16.49 1.50 N 
20  1 P     A DG 4  ? ? "O5'" A DG 4  ? ? "C5'" A DG 4  ? ? 136.53 120.90 15.63  1.60 N 
21  1 "O4'" A DG 4  ? ? "C4'" A DG 4  ? ? "C3'" A DG 4  ? ? 96.35  104.50 -8.15  0.40 N 
22  1 "C1'" A DG 4  ? ? "O4'" A DG 4  ? ? "C4'" A DG 4  ? ? 103.02 110.10 -7.08  1.00 N 
23  1 "O4'" A DG 4  ? ? "C1'" A DG 4  ? ? N9    A DG 4  ? ? 116.06 108.30 7.76   0.30 N 
24  1 C5    A DG 4  ? ? C6    A DG 4  ? ? O6    A DG 4  ? ? 124.89 128.60 -3.71  0.60 N 
25  1 "O4'" A DA 5  ? ? "C1'" A DA 5  ? ? N9    A DA 5  ? ? 116.58 108.30 8.28   0.30 N 
26  1 "C3'" A DA 5  ? ? "O3'" A DA 5  ? ? P     A DT 6  ? ? 138.69 119.70 18.99  1.20 Y 
27  1 "O3'" A DA 5  ? ? P     A DT 6  ? ? OP1   A DT 6  ? ? 122.43 110.50 11.93  1.10 Y 
28  1 OP1   A DT 6  ? ? P     A DT 6  ? ? OP2   A DT 6  ? ? 105.17 119.60 -14.43 1.50 N 
29  1 "O5'" A DT 6  ? ? P     A DT 6  ? ? OP1   A DT 6  ? ? 99.65  105.70 -6.05  0.90 N 
30  1 P     A DT 6  ? ? "O5'" A DT 6  ? ? "C5'" A DT 6  ? ? 109.51 120.90 -11.39 1.60 N 
31  1 "O4'" A DT 6  ? ? "C4'" A DT 6  ? ? "C3'" A DT 6  ? ? 99.76  104.50 -4.74  0.40 N 
32  1 "C4'" A DT 6  ? ? "C3'" A DT 6  ? ? "C2'" A DT 6  ? ? 96.62  102.20 -5.58  0.70 N 
33  1 N1    A DT 6  ? ? C2    A DT 6  ? ? N3    A DT 6  ? ? 118.46 114.60 3.86   0.60 N 
34  1 N1    A DT 6  ? ? C2    A DT 6  ? ? O2    A DT 6  ? ? 117.51 123.10 -5.59  0.80 N 
35  1 "C3'" A DT 6  ? ? "O3'" A DT 6  ? ? P     A DA 7  ? ? 130.93 119.70 11.23  1.20 Y 
36  1 OP1   A DA 7  ? ? P     A DA 7  ? ? OP2   A DA 7  ? ? 106.31 119.60 -13.29 1.50 N 
37  1 "O5'" A DA 7  ? ? P     A DA 7  ? ? OP2   A DA 7  ? ? 123.55 110.70 12.85  1.20 N 
38  1 "O5'" A DA 7  ? ? "C5'" A DA 7  ? ? "C4'" A DA 7  ? ? 101.49 109.40 -7.91  0.80 N 
39  1 "C4'" A DA 7  ? ? "C3'" A DA 7  ? ? "C2'" A DA 7  ? ? 97.88  102.20 -4.32  0.70 N 
40  1 "C3'" A DA 7  ? ? "C2'" A DA 7  ? ? "C1'" A DA 7  ? ? 93.24  102.40 -9.16  0.80 N 
41  1 "O4'" A DA 7  ? ? "C1'" A DA 7  ? ? "C2'" A DA 7  ? ? 98.56  105.90 -7.34  0.80 N 
42  1 "O4'" A DA 7  ? ? "C1'" A DA 7  ? ? N9    A DA 7  ? ? 117.33 108.30 9.03   0.30 N 
43  1 N1    A DA 7  ? ? C6    A DA 7  ? ? N6    A DA 7  ? ? 122.69 118.60 4.09   0.60 N 
44  1 "O3'" A DA 7  ? ? P     A DT 8  ? ? "O5'" A DT 8  ? ? 90.76  104.00 -13.24 1.90 Y 
45  1 P     A DT 8  ? ? "O5'" A DT 8  ? ? "C5'" A DT 8  ? ? 105.07 120.90 -15.83 1.60 N 
46  1 "O4'" A DT 8  ? ? "C1'" A DT 8  ? ? N1    A DT 8  ? ? 113.90 108.30 5.60   0.30 N 
47  1 N1    A DT 8  ? ? C2    A DT 8  ? ? N3    A DT 8  ? ? 119.59 114.60 4.99   0.60 N 
48  1 C2    A DT 8  ? ? N3    A DT 8  ? ? C4    A DT 8  ? ? 121.27 127.20 -5.93  0.60 N 
49  1 N1    A DT 8  ? ? C2    A DT 8  ? ? O2    A DT 8  ? ? 117.90 123.10 -5.20  0.80 N 
50  1 "C3'" A DT 8  ? ? "O3'" A DT 8  ? ? P     A DC 9  ? ? 133.84 119.70 14.14  1.20 Y 
51  1 "O5'" A DC 9  ? ? P     A DC 9  ? ? OP2   A DC 9  ? ? 118.41 110.70 7.71   1.20 N 
52  1 P     A DC 9  ? ? "O5'" A DC 9  ? ? "C5'" A DC 9  ? ? 107.88 120.90 -13.02 1.60 N 
53  1 "O4'" A DC 9  ? ? "C4'" A DC 9  ? ? "C3'" A DC 9  ? ? 101.26 104.50 -3.24  0.40 N 
54  1 "C1'" A DC 9  ? ? "O4'" A DC 9  ? ? "C4'" A DC 9  ? ? 103.52 110.10 -6.58  1.00 N 
55  1 "C4'" A DC 9  ? ? "C3'" A DC 9  ? ? "C2'" A DC 9  ? ? 96.81  102.20 -5.39  0.70 N 
56  1 "C3'" A DC 9  ? ? "C2'" A DC 9  ? ? "C1'" A DC 9  ? ? 92.47  102.40 -9.93  0.80 N 
57  1 "O4'" A DC 9  ? ? "C1'" A DC 9  ? ? "C2'" A DC 9  ? ? 110.10 106.80 3.30   0.50 N 
58  1 "O4'" A DC 9  ? ? "C1'" A DC 9  ? ? N1    A DC 9  ? ? 112.78 108.30 4.48   0.30 N 
59  1 N1    A DC 9  ? ? C2    A DC 9  ? ? O2    A DC 9  ? ? 115.05 118.90 -3.85  0.60 N 
60  1 N3    A DC 9  ? ? C2    A DC 9  ? ? O2    A DC 9  ? ? 128.21 121.90 6.31   0.70 N 
61  1 C2    A DC 9  ? ? N1    A DC 9  ? ? "C1'" A DC 9  ? ? 111.68 118.80 -7.12  1.10 N 
62  1 "O3'" A DC 9  ? ? P     A DG 10 ? ? OP1   A DG 10 ? ? 124.58 110.50 14.08  1.10 Y 
63  1 "O5'" A DG 10 ? ? "C5'" A DG 10 ? ? "C4'" A DG 10 ? ? 102.16 109.40 -7.24  0.80 N 
64  1 P     A DG 10 ? ? "O5'" A DG 10 ? ? "C5'" A DG 10 ? ? 103.71 120.90 -17.19 1.60 N 
65  1 "O4'" A DG 10 ? ? "C1'" A DG 10 ? ? N9    A DG 10 ? ? 122.35 108.30 14.05  0.30 N 
66  1 C5    A DG 10 ? ? C6    A DG 10 ? ? N1    A DG 10 ? ? 116.28 111.50 4.78   0.50 N 
67  1 "O5'" A DC 11 ? ? "C5'" A DC 11 ? ? "C4'" A DC 11 ? ? 104.38 109.40 -5.02  0.80 N 
68  1 P     A DC 11 ? ? "O5'" A DC 11 ? ? "C5'" A DC 11 ? ? 107.35 120.90 -13.55 1.60 N 
69  1 "O4'" A DC 11 ? ? "C4'" A DC 11 ? ? "C3'" A DC 11 ? ? 101.60 104.50 -2.90  0.40 N 
70  1 "C1'" A DC 11 ? ? "O4'" A DC 11 ? ? "C4'" A DC 11 ? ? 100.81 110.10 -9.29  1.00 N 
71  1 C6    A DC 11 ? ? N1    A DC 11 ? ? C2    A DC 11 ? ? 123.72 120.30 3.42   0.40 N 
72  1 N1    A DC 11 ? ? C2    A DC 11 ? ? N3    A DC 11 ? ? 114.90 119.20 -4.30  0.70 N 
73  1 C2    A DC 11 ? ? N3    A DC 11 ? ? C4    A DC 11 ? ? 123.78 119.90 3.88   0.50 N 
74  1 N1    A DC 11 ? ? C2    A DC 11 ? ? O2    A DC 11 ? ? 115.25 118.90 -3.65  0.60 N 
75  1 N3    A DC 11 ? ? C2    A DC 11 ? ? O2    A DC 11 ? ? 129.71 121.90 7.81   0.70 N 
76  1 N3    A DC 11 ? ? C4    A DC 11 ? ? N4    A DC 11 ? ? 122.29 118.00 4.29   0.70 N 
77  1 "C3'" A DC 11 ? ? "O3'" A DC 11 ? ? P     A DG 12 ? ? 102.53 119.70 -17.17 1.20 Y 
78  1 "O5'" A DG 12 ? ? P     A DG 12 ? ? OP2   A DG 12 ? ? 125.94 110.70 15.24  1.20 N 
79  1 C6    A DG 12 ? ? N1    A DG 12 ? ? C2    A DG 12 ? ? 120.21 125.10 -4.89  0.60 N 
80  1 N1    A DG 12 ? ? C2    A DG 12 ? ? N3    A DG 12 ? ? 127.72 123.90 3.82   0.60 N 
81  1 C5    A DG 12 ? ? C6    A DG 12 ? ? N1    A DG 12 ? ? 114.90 111.50 3.40   0.50 N 
82  1 N3    A DG 12 ? ? C2    A DG 12 ? ? N2    A DG 12 ? ? 114.79 119.90 -5.11  0.70 N 
83  1 "O5'" B DC 13 ? ? "C5'" B DC 13 ? ? "C4'" B DC 13 ? ? 101.48 109.40 -7.92  0.80 N 
84  1 N1    B DC 13 ? ? C2    B DC 13 ? ? O2    B DC 13 ? ? 122.62 118.90 3.72   0.60 N 
85  1 C5    B DC 13 ? ? C4    B DC 13 ? ? N4    B DC 13 ? ? 124.51 120.20 4.31   0.70 N 
86  1 "C3'" B DC 13 ? ? "O3'" B DC 13 ? ? P     B DG 14 ? ? 109.82 119.70 -9.88  1.20 Y 
87  1 C6    B DG 14 ? ? N1    B DG 14 ? ? C2    B DG 14 ? ? 120.57 125.10 -4.53  0.60 N 
88  1 N1    B DG 14 ? ? C6    B DG 14 ? ? O6    B DG 14 ? ? 124.61 119.90 4.71   0.60 N 
89  1 C5    B DG 14 ? ? C6    B DG 14 ? ? O6    B DG 14 ? ? 121.09 128.60 -7.51  0.60 N 
90  1 "C3'" B DG 14 ? ? "O3'" B DG 14 ? ? P     B DC 15 ? ? 110.43 119.70 -9.27  1.20 Y 
91  1 OP1   B DC 15 ? ? P     B DC 15 ? ? OP2   B DC 15 ? ? 110.59 119.60 -9.01  1.50 N 
92  1 "O5'" B DC 15 ? ? P     B DC 15 ? ? OP2   B DC 15 ? ? 119.64 110.70 8.94   1.20 N 
93  1 "C1'" B DC 15 ? ? "O4'" B DC 15 ? ? "C4'" B DC 15 ? ? 102.97 110.10 -7.13  1.00 N 
94  1 "O4'" B DC 15 ? ? "C1'" B DC 15 ? ? "C2'" B DC 15 ? ? 97.73  105.90 -8.17  0.80 N 
95  1 "O4'" B DC 15 ? ? "C1'" B DC 15 ? ? N1    B DC 15 ? ? 120.26 108.30 11.96  0.30 N 
96  1 OP1   B DG 16 ? ? P     B DG 16 ? ? OP2   B DG 16 ? ? 101.04 119.60 -18.56 1.50 N 
97  1 "O5'" B DG 16 ? ? P     B DG 16 ? ? OP2   B DG 16 ? ? 129.63 110.70 18.93  1.20 N 
98  1 "O5'" B DG 16 ? ? "C5'" B DG 16 ? ? "C4'" B DG 16 ? ? 103.68 109.40 -5.72  0.80 N 
99  1 N1    B DG 16 ? ? C6    B DG 16 ? ? O6    B DG 16 ? ? 124.40 119.90 4.50   0.60 N 
100 1 C5    B DG 16 ? ? C6    B DG 16 ? ? O6    B DG 16 ? ? 122.36 128.60 -6.24  0.60 N 
101 1 "C3'" B DG 16 ? ? "O3'" B DG 16 ? ? P     B DA 17 ? ? 110.91 119.70 -8.79  1.20 Y 
102 1 "O3'" B DG 16 ? ? P     B DA 17 ? ? OP1   B DA 17 ? ? 117.75 110.50 7.25   1.10 Y 
103 1 P     B DA 17 ? ? "O5'" B DA 17 ? ? "C5'" B DA 17 ? ? 102.93 120.90 -17.97 1.60 N 
104 1 "O4'" B DA 17 ? ? "C1'" B DA 17 ? ? N9    B DA 17 ? ? 112.36 108.30 4.06   0.30 N 
105 1 N1    B DA 17 ? ? C6    B DA 17 ? ? N6    B DA 17 ? ? 122.31 118.60 3.71   0.60 N 
106 1 "C3'" B DA 17 ? ? "O3'" B DA 17 ? ? P     B DT 18 ? ? 108.55 119.70 -11.15 1.20 Y 
107 1 "O5'" B DT 18 ? ? P     B DT 18 ? ? OP2   B DT 18 ? ? 120.02 110.70 9.32   1.20 N 
108 1 "O4'" B DT 18 ? ? "C4'" B DT 18 ? ? "C3'" B DT 18 ? ? 96.87  104.50 -7.63  0.40 N 
109 1 "C4'" B DT 18 ? ? "C3'" B DT 18 ? ? "C2'" B DT 18 ? ? 96.71  102.20 -5.49  0.70 N 
110 1 "O4'" B DT 18 ? ? "C1'" B DT 18 ? ? N1    B DT 18 ? ? 111.84 108.30 3.54   0.30 N 
111 1 C6    B DT 18 ? ? N1    B DT 18 ? ? C2    B DT 18 ? ? 118.14 121.30 -3.16  0.50 N 
112 1 N1    B DT 18 ? ? C2    B DT 18 ? ? N3    B DT 18 ? ? 120.30 114.60 5.70   0.60 N 
113 1 C2    B DT 18 ? ? N3    B DT 18 ? ? C4    B DT 18 ? ? 121.43 127.20 -5.77  0.60 N 
114 1 C4    B DT 18 ? ? C5    B DT 18 ? ? C7    B DT 18 ? ? 114.94 119.00 -4.06  0.60 N 
115 1 "O3'" B DT 18 ? ? P     B DA 19 ? ? OP1   B DA 19 ? ? 120.11 110.50 9.61   1.10 Y 
116 1 OP1   B DA 19 ? ? P     B DA 19 ? ? OP2   B DA 19 ? ? 105.11 119.60 -14.49 1.50 N 
117 1 "O5'" B DA 19 ? ? P     B DA 19 ? ? OP2   B DA 19 ? ? 121.27 110.70 10.57  1.20 N 
118 1 N9    B DA 19 ? ? "C1'" B DA 19 ? ? "C2'" B DA 19 ? ? 128.79 114.30 14.49  1.40 N 
119 1 "O4'" B DA 19 ? ? "C1'" B DA 19 ? ? N9    B DA 19 ? ? 95.18  108.00 -12.82 0.70 N 
120 1 N1    B DA 19 ? ? C6    B DA 19 ? ? N6    B DA 19 ? ? 122.34 118.60 3.74   0.60 N 
121 1 "O5'" B DT 20 ? ? P     B DT 20 ? ? OP1   B DT 20 ? ? 119.20 110.70 8.50   1.20 N 
122 1 "O4'" B DT 20 ? ? "C4'" B DT 20 ? ? "C3'" B DT 20 ? ? 98.86  104.50 -5.64  0.40 N 
123 1 "C3'" B DT 20 ? ? "C2'" B DT 20 ? ? "C1'" B DT 20 ? ? 96.58  102.40 -5.82  0.80 N 
124 1 "O4'" B DT 20 ? ? "C1'" B DT 20 ? ? N1    B DT 20 ? ? 113.26 108.30 4.96   0.30 N 
125 1 C2    B DT 20 ? ? N3    B DT 20 ? ? C4    B DT 20 ? ? 123.44 127.20 -3.76  0.60 N 
126 1 "O3'" B DT 20 ? ? P     B DC 21 ? ? "O5'" B DC 21 ? ? 91.26  104.00 -12.74 1.90 Y 
127 1 "O5'" B DC 21 ? ? P     B DC 21 ? ? OP2   B DC 21 ? ? 120.12 110.70 9.42   1.20 N 
128 1 "O5'" B DC 21 ? ? "C5'" B DC 21 ? ? "C4'" B DC 21 ? ? 98.92  109.40 -10.48 0.80 N 
129 1 P     B DC 21 ? ? "O5'" B DC 21 ? ? "C5'" B DC 21 ? ? 98.92  120.90 -21.98 1.60 N 
130 1 "O4'" B DC 21 ? ? "C1'" B DC 21 ? ? N1    B DC 21 ? ? 115.45 108.30 7.15   0.30 N 
131 1 N3    B DC 21 ? ? C4    B DC 21 ? ? C5    B DC 21 ? ? 119.50 121.90 -2.40  0.40 N 
132 1 N3    B DC 21 ? ? C4    B DC 21 ? ? N4    B DC 21 ? ? 123.44 118.00 5.44   0.70 N 
133 1 "O3'" B DC 21 ? ? P     B DG 22 ? ? OP2   B DG 22 ? ? 117.23 110.50 6.73   1.10 Y 
134 1 P     B DG 22 ? ? "O5'" B DG 22 ? ? "C5'" B DG 22 ? ? 106.97 120.90 -13.93 1.60 N 
135 1 "C3'" B DG 22 ? ? "C2'" B DG 22 ? ? "C1'" B DG 22 ? ? 93.81  102.40 -8.59  0.80 N 
136 1 "O4'" B DG 22 ? ? "C1'" B DG 22 ? ? N9    B DG 22 ? ? 115.00 108.30 6.70   0.30 N 
137 1 "C3'" B DG 22 ? ? "O3'" B DG 22 ? ? P     B DC 23 ? ? 111.96 119.70 -7.74  1.20 Y 
138 1 "O4'" B DC 23 ? ? "C4'" B DC 23 ? ? "C3'" B DC 23 ? ? 96.94  104.50 -7.56  0.40 N 
139 1 "C1'" B DC 23 ? ? "O4'" B DC 23 ? ? "C4'" B DC 23 ? ? 98.03  110.10 -12.07 1.00 N 
140 1 OP1   B DG 24 ? ? P     B DG 24 ? ? OP2   B DG 24 ? ? 108.64 119.60 -10.96 1.50 N 
141 1 "C1'" B DG 24 ? ? "O4'" B DG 24 ? ? "C4'" B DG 24 ? ? 100.40 110.10 -9.70  1.00 N 
# 
_pdbx_validate_polymer_linkage.id               1 
_pdbx_validate_polymer_linkage.PDB_model_num    1 
_pdbx_validate_polymer_linkage.auth_atom_id_1   "O3'" 
_pdbx_validate_polymer_linkage.auth_asym_id_1   A 
_pdbx_validate_polymer_linkage.auth_comp_id_1   DC 
_pdbx_validate_polymer_linkage.auth_seq_id_1    11 
_pdbx_validate_polymer_linkage.PDB_ins_code_1   ? 
_pdbx_validate_polymer_linkage.label_alt_id_1   ? 
_pdbx_validate_polymer_linkage.auth_atom_id_2   P 
_pdbx_validate_polymer_linkage.auth_asym_id_2   A 
_pdbx_validate_polymer_linkage.auth_comp_id_2   DG 
_pdbx_validate_polymer_linkage.auth_seq_id_2    12 
_pdbx_validate_polymer_linkage.PDB_ins_code_2   ? 
_pdbx_validate_polymer_linkage.label_alt_id_2   ? 
_pdbx_validate_polymer_linkage.dist             1.77 
# 
_struct_site_keywords.site_id   1 
_struct_site_keywords.text      'MINOR GROOVE BINDER' 
# 
loop_
_refine_B_iso.class 
_refine_B_iso.details 
_refine_B_iso.treatment 
_refine_B_iso.pdbx_refine_id 
'ALL ATOMS'  TR isotropic 'X-RAY DIFFRACTION' 
'ALL WATERS' TR isotropic 'X-RAY DIFFRACTION' 
# 
loop_
_refine_occupancy.class 
_refine_occupancy.treatment 
_refine_occupancy.pdbx_refine_id 
'ALL ATOMS'  fix 'X-RAY DIFFRACTION' 
'ALL WATERS' fix 'X-RAY DIFFRACTION' 
# 
loop_
_chem_comp_atom.comp_id 
_chem_comp_atom.atom_id 
_chem_comp_atom.type_symbol 
_chem_comp_atom.pdbx_aromatic_flag 
_chem_comp_atom.pdbx_stereo_config 
_chem_comp_atom.pdbx_ordinal 
DA  OP3    O N N 1   
DA  P      P N N 2   
DA  OP1    O N N 3   
DA  OP2    O N N 4   
DA  "O5'"  O N N 5   
DA  "C5'"  C N N 6   
DA  "C4'"  C N R 7   
DA  "O4'"  O N N 8   
DA  "C3'"  C N S 9   
DA  "O3'"  O N N 10  
DA  "C2'"  C N N 11  
DA  "C1'"  C N R 12  
DA  N9     N Y N 13  
DA  C8     C Y N 14  
DA  N7     N Y N 15  
DA  C5     C Y N 16  
DA  C6     C Y N 17  
DA  N6     N N N 18  
DA  N1     N Y N 19  
DA  C2     C Y N 20  
DA  N3     N Y N 21  
DA  C4     C Y N 22  
DA  HOP3   H N N 23  
DA  HOP2   H N N 24  
DA  "H5'"  H N N 25  
DA  "H5''" H N N 26  
DA  "H4'"  H N N 27  
DA  "H3'"  H N N 28  
DA  "HO3'" H N N 29  
DA  "H2'"  H N N 30  
DA  "H2''" H N N 31  
DA  "H1'"  H N N 32  
DA  H8     H N N 33  
DA  H61    H N N 34  
DA  H62    H N N 35  
DA  H2     H N N 36  
DC  OP3    O N N 37  
DC  P      P N N 38  
DC  OP1    O N N 39  
DC  OP2    O N N 40  
DC  "O5'"  O N N 41  
DC  "C5'"  C N N 42  
DC  "C4'"  C N R 43  
DC  "O4'"  O N N 44  
DC  "C3'"  C N S 45  
DC  "O3'"  O N N 46  
DC  "C2'"  C N N 47  
DC  "C1'"  C N R 48  
DC  N1     N N N 49  
DC  C2     C N N 50  
DC  O2     O N N 51  
DC  N3     N N N 52  
DC  C4     C N N 53  
DC  N4     N N N 54  
DC  C5     C N N 55  
DC  C6     C N N 56  
DC  HOP3   H N N 57  
DC  HOP2   H N N 58  
DC  "H5'"  H N N 59  
DC  "H5''" H N N 60  
DC  "H4'"  H N N 61  
DC  "H3'"  H N N 62  
DC  "HO3'" H N N 63  
DC  "H2'"  H N N 64  
DC  "H2''" H N N 65  
DC  "H1'"  H N N 66  
DC  H41    H N N 67  
DC  H42    H N N 68  
DC  H5     H N N 69  
DC  H6     H N N 70  
DG  OP3    O N N 71  
DG  P      P N N 72  
DG  OP1    O N N 73  
DG  OP2    O N N 74  
DG  "O5'"  O N N 75  
DG  "C5'"  C N N 76  
DG  "C4'"  C N R 77  
DG  "O4'"  O N N 78  
DG  "C3'"  C N S 79  
DG  "O3'"  O N N 80  
DG  "C2'"  C N N 81  
DG  "C1'"  C N R 82  
DG  N9     N Y N 83  
DG  C8     C Y N 84  
DG  N7     N Y N 85  
DG  C5     C Y N 86  
DG  C6     C N N 87  
DG  O6     O N N 88  
DG  N1     N N N 89  
DG  C2     C N N 90  
DG  N2     N N N 91  
DG  N3     N N N 92  
DG  C4     C Y N 93  
DG  HOP3   H N N 94  
DG  HOP2   H N N 95  
DG  "H5'"  H N N 96  
DG  "H5''" H N N 97  
DG  "H4'"  H N N 98  
DG  "H3'"  H N N 99  
DG  "HO3'" H N N 100 
DG  "H2'"  H N N 101 
DG  "H2''" H N N 102 
DG  "H1'"  H N N 103 
DG  H8     H N N 104 
DG  H1     H N N 105 
DG  H21    H N N 106 
DG  H22    H N N 107 
DT  OP3    O N N 108 
DT  P      P N N 109 
DT  OP1    O N N 110 
DT  OP2    O N N 111 
DT  "O5'"  O N N 112 
DT  "C5'"  C N N 113 
DT  "C4'"  C N R 114 
DT  "O4'"  O N N 115 
DT  "C3'"  C N S 116 
DT  "O3'"  O N N 117 
DT  "C2'"  C N N 118 
DT  "C1'"  C N R 119 
DT  N1     N N N 120 
DT  C2     C N N 121 
DT  O2     O N N 122 
DT  N3     N N N 123 
DT  C4     C N N 124 
DT  O4     O N N 125 
DT  C5     C N N 126 
DT  C7     C N N 127 
DT  C6     C N N 128 
DT  HOP3   H N N 129 
DT  HOP2   H N N 130 
DT  "H5'"  H N N 131 
DT  "H5''" H N N 132 
DT  "H4'"  H N N 133 
DT  "H3'"  H N N 134 
DT  "HO3'" H N N 135 
DT  "H2'"  H N N 136 
DT  "H2''" H N N 137 
DT  "H1'"  H N N 138 
DT  H3     H N N 139 
DT  H71    H N N 140 
DT  H72    H N N 141 
DT  H73    H N N 142 
DT  H6     H N N 143 
HOH O      O N N 144 
HOH H1     H N N 145 
HOH H2     H N N 146 
NT  C1     C N N 147 
NT  N1     N N N 148 
NT  N2     N N N 149 
NT  N3     N N N 150 
NT  C2     C N N 151 
NT  C3     C N N 152 
NT  O1     O N N 153 
NT  N4     N N N 154 
NT  C4     C Y N 155 
NT  C5     C Y N 156 
NT  C6     C Y N 157 
NT  N5     N Y N 158 
NT  C8     C N N 159 
NT  C7     C Y N 160 
NT  C9     C N N 161 
NT  O2     O N N 162 
NT  N6     N N N 163 
NT  C10    C Y N 164 
NT  C11    C Y N 165 
NT  C12    C Y N 166 
NT  N7     N Y N 167 
NT  C14    C N N 168 
NT  C13    C Y N 169 
NT  C15    C N N 170 
NT  O3     O N N 171 
NT  N8     N N N 172 
NT  C16    C N N 173 
NT  C17    C N N 174 
NT  C18    C N N 175 
NT  N9     N N N 176 
NT  N10    N N N 177 
NT  HN1    H N N 178 
NT  HN21   H N N 179 
NT  HN22   H N N 180 
NT  HN3    H N N 181 
NT  H21    H N N 182 
NT  H22    H N N 183 
NT  HN4    H N N 184 
NT  H5     H N N 185 
NT  H81    H N N 186 
NT  H82    H N N 187 
NT  H83    H N N 188 
NT  H7     H N N 189 
NT  HN6    H N N 190 
NT  H11    H N N 191 
NT  H141   H N N 192 
NT  H142   H N N 193 
NT  H143   H N N 194 
NT  H13    H N N 195 
NT  HN8    H N N 196 
NT  H161   H N N 197 
NT  H162   H N N 198 
NT  H171   H N N 199 
NT  H172   H N N 200 
NT  HN9    H N N 201 
NT  HN01   H N N 202 
NT  HN02   H N N 203 
# 
loop_
_chem_comp_bond.comp_id 
_chem_comp_bond.atom_id_1 
_chem_comp_bond.atom_id_2 
_chem_comp_bond.value_order 
_chem_comp_bond.pdbx_aromatic_flag 
_chem_comp_bond.pdbx_stereo_config 
_chem_comp_bond.pdbx_ordinal 
DA  OP3   P      sing N N 1   
DA  OP3   HOP3   sing N N 2   
DA  P     OP1    doub N N 3   
DA  P     OP2    sing N N 4   
DA  P     "O5'"  sing N N 5   
DA  OP2   HOP2   sing N N 6   
DA  "O5'" "C5'"  sing N N 7   
DA  "C5'" "C4'"  sing N N 8   
DA  "C5'" "H5'"  sing N N 9   
DA  "C5'" "H5''" sing N N 10  
DA  "C4'" "O4'"  sing N N 11  
DA  "C4'" "C3'"  sing N N 12  
DA  "C4'" "H4'"  sing N N 13  
DA  "O4'" "C1'"  sing N N 14  
DA  "C3'" "O3'"  sing N N 15  
DA  "C3'" "C2'"  sing N N 16  
DA  "C3'" "H3'"  sing N N 17  
DA  "O3'" "HO3'" sing N N 18  
DA  "C2'" "C1'"  sing N N 19  
DA  "C2'" "H2'"  sing N N 20  
DA  "C2'" "H2''" sing N N 21  
DA  "C1'" N9     sing N N 22  
DA  "C1'" "H1'"  sing N N 23  
DA  N9    C8     sing Y N 24  
DA  N9    C4     sing Y N 25  
DA  C8    N7     doub Y N 26  
DA  C8    H8     sing N N 27  
DA  N7    C5     sing Y N 28  
DA  C5    C6     sing Y N 29  
DA  C5    C4     doub Y N 30  
DA  C6    N6     sing N N 31  
DA  C6    N1     doub Y N 32  
DA  N6    H61    sing N N 33  
DA  N6    H62    sing N N 34  
DA  N1    C2     sing Y N 35  
DA  C2    N3     doub Y N 36  
DA  C2    H2     sing N N 37  
DA  N3    C4     sing Y N 38  
DC  OP3   P      sing N N 39  
DC  OP3   HOP3   sing N N 40  
DC  P     OP1    doub N N 41  
DC  P     OP2    sing N N 42  
DC  P     "O5'"  sing N N 43  
DC  OP2   HOP2   sing N N 44  
DC  "O5'" "C5'"  sing N N 45  
DC  "C5'" "C4'"  sing N N 46  
DC  "C5'" "H5'"  sing N N 47  
DC  "C5'" "H5''" sing N N 48  
DC  "C4'" "O4'"  sing N N 49  
DC  "C4'" "C3'"  sing N N 50  
DC  "C4'" "H4'"  sing N N 51  
DC  "O4'" "C1'"  sing N N 52  
DC  "C3'" "O3'"  sing N N 53  
DC  "C3'" "C2'"  sing N N 54  
DC  "C3'" "H3'"  sing N N 55  
DC  "O3'" "HO3'" sing N N 56  
DC  "C2'" "C1'"  sing N N 57  
DC  "C2'" "H2'"  sing N N 58  
DC  "C2'" "H2''" sing N N 59  
DC  "C1'" N1     sing N N 60  
DC  "C1'" "H1'"  sing N N 61  
DC  N1    C2     sing N N 62  
DC  N1    C6     sing N N 63  
DC  C2    O2     doub N N 64  
DC  C2    N3     sing N N 65  
DC  N3    C4     doub N N 66  
DC  C4    N4     sing N N 67  
DC  C4    C5     sing N N 68  
DC  N4    H41    sing N N 69  
DC  N4    H42    sing N N 70  
DC  C5    C6     doub N N 71  
DC  C5    H5     sing N N 72  
DC  C6    H6     sing N N 73  
DG  OP3   P      sing N N 74  
DG  OP3   HOP3   sing N N 75  
DG  P     OP1    doub N N 76  
DG  P     OP2    sing N N 77  
DG  P     "O5'"  sing N N 78  
DG  OP2   HOP2   sing N N 79  
DG  "O5'" "C5'"  sing N N 80  
DG  "C5'" "C4'"  sing N N 81  
DG  "C5'" "H5'"  sing N N 82  
DG  "C5'" "H5''" sing N N 83  
DG  "C4'" "O4'"  sing N N 84  
DG  "C4'" "C3'"  sing N N 85  
DG  "C4'" "H4'"  sing N N 86  
DG  "O4'" "C1'"  sing N N 87  
DG  "C3'" "O3'"  sing N N 88  
DG  "C3'" "C2'"  sing N N 89  
DG  "C3'" "H3'"  sing N N 90  
DG  "O3'" "HO3'" sing N N 91  
DG  "C2'" "C1'"  sing N N 92  
DG  "C2'" "H2'"  sing N N 93  
DG  "C2'" "H2''" sing N N 94  
DG  "C1'" N9     sing N N 95  
DG  "C1'" "H1'"  sing N N 96  
DG  N9    C8     sing Y N 97  
DG  N9    C4     sing Y N 98  
DG  C8    N7     doub Y N 99  
DG  C8    H8     sing N N 100 
DG  N7    C5     sing Y N 101 
DG  C5    C6     sing N N 102 
DG  C5    C4     doub Y N 103 
DG  C6    O6     doub N N 104 
DG  C6    N1     sing N N 105 
DG  N1    C2     sing N N 106 
DG  N1    H1     sing N N 107 
DG  C2    N2     sing N N 108 
DG  C2    N3     doub N N 109 
DG  N2    H21    sing N N 110 
DG  N2    H22    sing N N 111 
DG  N3    C4     sing N N 112 
DT  OP3   P      sing N N 113 
DT  OP3   HOP3   sing N N 114 
DT  P     OP1    doub N N 115 
DT  P     OP2    sing N N 116 
DT  P     "O5'"  sing N N 117 
DT  OP2   HOP2   sing N N 118 
DT  "O5'" "C5'"  sing N N 119 
DT  "C5'" "C4'"  sing N N 120 
DT  "C5'" "H5'"  sing N N 121 
DT  "C5'" "H5''" sing N N 122 
DT  "C4'" "O4'"  sing N N 123 
DT  "C4'" "C3'"  sing N N 124 
DT  "C4'" "H4'"  sing N N 125 
DT  "O4'" "C1'"  sing N N 126 
DT  "C3'" "O3'"  sing N N 127 
DT  "C3'" "C2'"  sing N N 128 
DT  "C3'" "H3'"  sing N N 129 
DT  "O3'" "HO3'" sing N N 130 
DT  "C2'" "C1'"  sing N N 131 
DT  "C2'" "H2'"  sing N N 132 
DT  "C2'" "H2''" sing N N 133 
DT  "C1'" N1     sing N N 134 
DT  "C1'" "H1'"  sing N N 135 
DT  N1    C2     sing N N 136 
DT  N1    C6     sing N N 137 
DT  C2    O2     doub N N 138 
DT  C2    N3     sing N N 139 
DT  N3    C4     sing N N 140 
DT  N3    H3     sing N N 141 
DT  C4    O4     doub N N 142 
DT  C4    C5     sing N N 143 
DT  C5    C7     sing N N 144 
DT  C5    C6     doub N N 145 
DT  C7    H71    sing N N 146 
DT  C7    H72    sing N N 147 
DT  C7    H73    sing N N 148 
DT  C6    H6     sing N N 149 
HOH O     H1     sing N N 150 
HOH O     H2     sing N N 151 
NT  C1    N1     doub N N 152 
NT  C1    N2     sing N N 153 
NT  C1    N3     sing N N 154 
NT  N1    HN1    sing N N 155 
NT  N2    HN21   sing N N 156 
NT  N2    HN22   sing N N 157 
NT  N3    C2     sing N N 158 
NT  N3    HN3    sing N N 159 
NT  C2    C3     sing N N 160 
NT  C2    H21    sing N N 161 
NT  C2    H22    sing N N 162 
NT  C3    O1     doub N N 163 
NT  C3    N4     sing N N 164 
NT  N4    C4     sing N N 165 
NT  N4    HN4    sing N N 166 
NT  C4    C5     sing Y N 167 
NT  C4    C7     doub Y N 168 
NT  C5    C6     doub Y N 169 
NT  C5    H5     sing N N 170 
NT  C6    N5     sing Y N 171 
NT  C6    C9     sing N N 172 
NT  N5    C8     sing N N 173 
NT  N5    C7     sing Y N 174 
NT  C8    H81    sing N N 175 
NT  C8    H82    sing N N 176 
NT  C8    H83    sing N N 177 
NT  C7    H7     sing N N 178 
NT  C9    O2     doub N N 179 
NT  C9    N6     sing N N 180 
NT  N6    C10    sing N N 181 
NT  N6    HN6    sing N N 182 
NT  C10   C11    sing Y N 183 
NT  C10   C13    doub Y N 184 
NT  C11   C12    doub Y N 185 
NT  C11   H11    sing N N 186 
NT  C12   N7     sing Y N 187 
NT  C12   C15    sing N N 188 
NT  N7    C14    sing N N 189 
NT  N7    C13    sing Y N 190 
NT  C14   H141   sing N N 191 
NT  C14   H142   sing N N 192 
NT  C14   H143   sing N N 193 
NT  C13   H13    sing N N 194 
NT  C15   O3     doub N N 195 
NT  C15   N8     sing N N 196 
NT  N8    C16    sing N N 197 
NT  N8    HN8    sing N N 198 
NT  C16   C17    sing N N 199 
NT  C16   H161   sing N N 200 
NT  C16   H162   sing N N 201 
NT  C17   C18    sing N N 202 
NT  C17   H171   sing N N 203 
NT  C17   H172   sing N N 204 
NT  C18   N9     doub N N 205 
NT  C18   N10    sing N N 206 
NT  N9    HN9    sing N N 207 
NT  N10   HN01   sing N N 208 
NT  N10   HN02   sing N N 209 
# 
loop_
_ndb_struct_conf_na.entry_id 
_ndb_struct_conf_na.feature 
1VTJ 'double helix'        
1VTJ 'b-form double helix' 
# 
loop_
_ndb_struct_na_base_pair.model_number 
_ndb_struct_na_base_pair.i_label_asym_id 
_ndb_struct_na_base_pair.i_label_comp_id 
_ndb_struct_na_base_pair.i_label_seq_id 
_ndb_struct_na_base_pair.i_symmetry 
_ndb_struct_na_base_pair.j_label_asym_id 
_ndb_struct_na_base_pair.j_label_comp_id 
_ndb_struct_na_base_pair.j_label_seq_id 
_ndb_struct_na_base_pair.j_symmetry 
_ndb_struct_na_base_pair.shear 
_ndb_struct_na_base_pair.stretch 
_ndb_struct_na_base_pair.stagger 
_ndb_struct_na_base_pair.buckle 
_ndb_struct_na_base_pair.propeller 
_ndb_struct_na_base_pair.opening 
_ndb_struct_na_base_pair.pair_number 
_ndb_struct_na_base_pair.pair_name 
_ndb_struct_na_base_pair.i_auth_asym_id 
_ndb_struct_na_base_pair.i_auth_seq_id 
_ndb_struct_na_base_pair.i_PDB_ins_code 
_ndb_struct_na_base_pair.j_auth_asym_id 
_ndb_struct_na_base_pair.j_auth_seq_id 
_ndb_struct_na_base_pair.j_PDB_ins_code 
_ndb_struct_na_base_pair.hbond_type_28 
_ndb_struct_na_base_pair.hbond_type_12 
1 A DC 1  1_555 B DG 12 1_555 0.066  -0.142 0.275  4.776   -4.445  -3.767 1  A_DC1:DG24_B  A 1  ? B 24 ? 19 1 
1 A DG 2  1_555 B DC 11 1_555 -0.118 -0.470 -0.067 1.377   -14.343 -5.397 2  A_DG2:DC23_B  A 2  ? B 23 ? 19 1 
1 A DC 3  1_555 B DG 10 1_555 -0.262 -0.237 0.723  -11.127 -7.110  -2.921 3  A_DC3:DG22_B  A 3  ? B 22 ? 19 1 
1 A DG 4  1_555 B DC 9  1_555 0.510  -0.406 0.167  14.131  -8.831  -2.146 4  A_DG4:DC21_B  A 4  ? B 21 ? 19 1 
1 A DA 5  1_555 B DT 8  1_555 -0.018 -0.044 -0.163 1.526   -2.110  2.221  5  A_DA5:DT20_B  A 5  ? B 20 ? 20 1 
1 A DT 6  1_555 B DA 7  1_555 -0.395 -0.338 -0.366 10.229  -12.131 -0.292 6  A_DT6:DA19_B  A 6  ? B 19 ? 20 1 
1 A DA 7  1_555 B DT 6  1_555 0.238  -0.268 -0.118 -4.000  -17.204 -2.219 7  A_DA7:DT18_B  A 7  ? B 18 ? 20 1 
1 A DT 8  1_555 B DA 5  1_555 -0.020 -0.171 0.260  1.982   -6.971  -5.426 8  A_DT8:DA17_B  A 8  ? B 17 ? 20 1 
1 A DC 9  1_555 B DG 4  1_555 0.262  -0.375 0.416  -8.274  -12.379 -4.350 9  A_DC9:DG16_B  A 9  ? B 16 ? 19 1 
1 A DG 10 1_555 B DC 3  1_555 0.605  -0.177 0.239  7.591   -11.247 -3.489 10 A_DG10:DC15_B A 10 ? B 15 ? 19 1 
1 A DC 11 1_555 B DG 2  1_555 0.418  -0.617 1.164  -11.483 -15.764 -6.443 11 A_DC11:DG14_B A 11 ? B 14 ? 19 1 
1 A DG 12 1_555 B DC 1  1_555 0.327  -0.115 0.209  -4.060  -0.932  3.012  12 A_DG12:DC13_B A 12 ? B 13 ? 19 1 
# 
loop_
_ndb_struct_na_base_pair_step.model_number 
_ndb_struct_na_base_pair_step.i_label_asym_id_1 
_ndb_struct_na_base_pair_step.i_label_comp_id_1 
_ndb_struct_na_base_pair_step.i_label_seq_id_1 
_ndb_struct_na_base_pair_step.i_symmetry_1 
_ndb_struct_na_base_pair_step.j_label_asym_id_1 
_ndb_struct_na_base_pair_step.j_label_comp_id_1 
_ndb_struct_na_base_pair_step.j_label_seq_id_1 
_ndb_struct_na_base_pair_step.j_symmetry_1 
_ndb_struct_na_base_pair_step.i_label_asym_id_2 
_ndb_struct_na_base_pair_step.i_label_comp_id_2 
_ndb_struct_na_base_pair_step.i_label_seq_id_2 
_ndb_struct_na_base_pair_step.i_symmetry_2 
_ndb_struct_na_base_pair_step.j_label_asym_id_2 
_ndb_struct_na_base_pair_step.j_label_comp_id_2 
_ndb_struct_na_base_pair_step.j_label_seq_id_2 
_ndb_struct_na_base_pair_step.j_symmetry_2 
_ndb_struct_na_base_pair_step.shift 
_ndb_struct_na_base_pair_step.slide 
_ndb_struct_na_base_pair_step.rise 
_ndb_struct_na_base_pair_step.tilt 
_ndb_struct_na_base_pair_step.roll 
_ndb_struct_na_base_pair_step.twist 
_ndb_struct_na_base_pair_step.x_displacement 
_ndb_struct_na_base_pair_step.y_displacement 
_ndb_struct_na_base_pair_step.helical_rise 
_ndb_struct_na_base_pair_step.inclination 
_ndb_struct_na_base_pair_step.tip 
_ndb_struct_na_base_pair_step.helical_twist 
_ndb_struct_na_base_pair_step.step_number 
_ndb_struct_na_base_pair_step.step_name 
_ndb_struct_na_base_pair_step.i_auth_asym_id_1 
_ndb_struct_na_base_pair_step.i_auth_seq_id_1 
_ndb_struct_na_base_pair_step.i_PDB_ins_code_1 
_ndb_struct_na_base_pair_step.j_auth_asym_id_1 
_ndb_struct_na_base_pair_step.j_auth_seq_id_1 
_ndb_struct_na_base_pair_step.j_PDB_ins_code_1 
_ndb_struct_na_base_pair_step.i_auth_asym_id_2 
_ndb_struct_na_base_pair_step.i_auth_seq_id_2 
_ndb_struct_na_base_pair_step.i_PDB_ins_code_2 
_ndb_struct_na_base_pair_step.j_auth_asym_id_2 
_ndb_struct_na_base_pair_step.j_auth_seq_id_2 
_ndb_struct_na_base_pair_step.j_PDB_ins_code_2 
1 A DC 1  1_555 B DG 12 1_555 A DG 2  1_555 B DC 11 1_555 -1.208 0.853  3.434 0.997  12.993 40.559 -0.255 1.776  3.505 18.184  
-1.396 42.517 1  AA_DC1DG2:DC23DG24_BB   A 1  ? B 24 ? A 2  ? B 23 ? 
1 A DG 2  1_555 B DC 11 1_555 A DC 3  1_555 B DG 10 1_555 0.166  -0.995 3.781 -8.889 -8.496 30.162 -0.004 -2.151 3.723 -15.540 
16.258 32.518 2  AA_DG2DC3:DG22DC23_BB   A 2  ? B 23 ? A 3  ? B 22 ? 
1 A DC 3  1_555 B DG 10 1_555 A DG 4  1_555 B DC 9  1_555 -0.845 0.682  2.874 4.182  6.715  36.279 0.279  1.821  2.839 10.628  
-6.620 37.103 3  AA_DC3DG4:DC21DG22_BB   A 3  ? B 22 ? A 4  ? B 21 ? 
1 A DG 4  1_555 B DC 9  1_555 A DA 5  1_555 B DT 8  1_555 0.637  -0.628 3.736 -0.392 1.705  32.465 -1.461 -1.216 3.692 3.046   
0.701  32.511 4  AA_DG4DA5:DT20DC21_BB   A 4  ? B 21 ? A 5  ? B 20 ? 
1 A DA 5  1_555 B DT 8  1_555 A DT 6  1_555 B DA 7  1_555 -0.388 0.478  3.059 0.825  -1.228 30.510 1.134  0.889  3.026 -2.332  
-1.566 30.545 5  AA_DA5DT6:DA19DT20_BB   A 5  ? B 20 ? A 6  ? B 19 ? 
1 A DT 6  1_555 B DA 7  1_555 A DA 7  1_555 B DT 6  1_555 0.281  -0.089 3.586 2.231  -2.733 45.556 0.148  -0.148 3.595 -3.523  
-2.876 45.686 6  AA_DT6DA7:DT18DA19_BB   A 6  ? B 19 ? A 7  ? B 18 ? 
1 A DA 7  1_555 B DT 6  1_555 A DT 8  1_555 B DA 5  1_555 -0.251 -0.697 3.225 -3.315 5.748  25.012 -3.104 -0.331 3.000 12.983  
7.487  25.863 7  AA_DA7DT8:DA17DT18_BB   A 7  ? B 18 ? A 8  ? B 17 ? 
1 A DT 8  1_555 B DA 5  1_555 A DC 9  1_555 B DG 4  1_555 -0.016 -0.087 3.515 0.563  -3.426 43.129 0.242  0.081  3.511 -4.652  
-0.765 43.262 8  AA_DT8DC9:DG16DA17_BB   A 8  ? B 17 ? A 9  ? B 16 ? 
1 A DC 9  1_555 B DG 4  1_555 A DG 10 1_555 B DC 3  1_555 0.277  1.065  3.122 1.313  1.391  39.446 1.418  -0.262 3.164 2.059   
-1.944 39.491 9  AA_DC9DG10:DC15DG16_BB  A 9  ? B 16 ? A 10 ? B 15 ? 
1 A DG 10 1_555 B DC 3  1_555 A DC 11 1_555 B DG 2  1_555 -1.045 -0.095 3.951 -8.756 -8.925 27.744 2.082  -0.226 3.938 -17.528 
17.196 30.381 10 AA_DG10DC11:DG14DC15_BB A 10 ? B 15 ? A 11 ? B 14 ? 
1 A DC 11 1_555 B DG 2  1_555 A DG 12 1_555 B DC 1  1_555 0.470  0.765  3.227 3.950  -2.213 47.707 1.116  -0.271 3.217 -2.729  
-4.870 47.909 11 AA_DC11DG12:DC13DG14_BB A 11 ? B 14 ? A 12 ? B 13 ? 
# 
_atom_sites.entry_id                    1VTJ 
_atom_sites.fract_transf_matrix[1][1]   -0.02048921 
_atom_sites.fract_transf_matrix[1][2]   -0.03183116 
_atom_sites.fract_transf_matrix[1][3]   -0.01035461 
_atom_sites.fract_transf_matrix[2][1]   0.00518810 
_atom_sites.fract_transf_matrix[2][2]   0.00423763 
_atom_sites.fract_transf_matrix[2][3]   -0.02329288 
_atom_sites.fract_transf_matrix[3][1]   0.01234442 
_atom_sites.fract_transf_matrix[3][2]   -0.00834638 
_atom_sites.fract_transf_matrix[3][3]   0.00123107 
_atom_sites.fract_transf_vector[1]      0.586198 
_atom_sites.fract_transf_vector[2]      0.514915 
_atom_sites.fract_transf_vector[3]      1.134733 
# 
loop_
_atom_type.symbol 
C 
N 
O 
P 
# 
loop_
_atom_site.group_PDB 
_atom_site.id 
_atom_site.type_symbol 
_atom_site.label_atom_id 
_atom_site.label_alt_id 
_atom_site.label_comp_id 
_atom_site.label_asym_id 
_atom_site.label_entity_id 
_atom_site.label_seq_id 
_atom_site.pdbx_PDB_ins_code 
_atom_site.Cartn_x 
_atom_site.Cartn_y 
_atom_site.Cartn_z 
_atom_site.occupancy 
_atom_site.B_iso_or_equiv 
_atom_site.pdbx_formal_charge 
_atom_site.auth_seq_id 
_atom_site.auth_comp_id 
_atom_site.auth_asym_id 
_atom_site.auth_atom_id 
_atom_site.pdbx_PDB_model_num 
ATOM   1   O "O5'" . DC  A 1 1  ? 13.936  -8.464  -12.277 1.00 20.35 ? 1  DC  A "O5'" 1 
ATOM   2   C "C5'" . DC  A 1 1  ? 12.565  -8.767  -11.963 1.00 21.16 ? 1  DC  A "C5'" 1 
ATOM   3   C "C4'" . DC  A 1 1  ? 12.456  -9.870  -10.956 1.00 20.95 ? 1  DC  A "C4'" 1 
ATOM   4   O "O4'" . DC  A 1 1  ? 13.477  -9.792  -10.020 1.00 20.29 ? 1  DC  A "O4'" 1 
ATOM   5   C "C3'" . DC  A 1 1  ? 11.136  -9.806  -10.122 1.00 21.77 ? 1  DC  A "C3'" 1 
ATOM   6   O "O3'" . DC  A 1 1  ? 10.126  -10.561 -10.797 1.00 22.90 ? 1  DC  A "O3'" 1 
ATOM   7   C "C2'" . DC  A 1 1  ? 11.560  -10.246 -8.751  1.00 21.25 ? 1  DC  A "C2'" 1 
ATOM   8   C "C1'" . DC  A 1 1  ? 13.062  -10.404 -8.802  1.00 20.35 ? 1  DC  A "C1'" 1 
ATOM   9   N N1    . DC  A 1 1  ? 13.779  -9.734  -7.704  1.00 19.97 ? 1  DC  A N1    1 
ATOM   10  C C2    . DC  A 1 1  ? 13.891  -10.397 -6.495  1.00 20.17 ? 1  DC  A C2    1 
ATOM   11  O O2    . DC  A 1 1  ? 13.421  -11.537 -6.348  1.00 20.16 ? 1  DC  A O2    1 
ATOM   12  N N3    . DC  A 1 1  ? 14.570  -9.790  -5.465  1.00 20.11 ? 1  DC  A N3    1 
ATOM   13  C C4    . DC  A 1 1  ? 15.179  -8.552  -5.688  1.00 20.38 ? 1  DC  A C4    1 
ATOM   14  N N4    . DC  A 1 1  ? 15.838  -7.981  -4.682  1.00 20.17 ? 1  DC  A N4    1 
ATOM   15  C C5    . DC  A 1 1  ? 15.035  -7.880  -6.916  1.00 19.97 ? 1  DC  A C5    1 
ATOM   16  C C6    . DC  A 1 1  ? 14.367  -8.533  -7.896  1.00 19.90 ? 1  DC  A C6    1 
ATOM   17  P P     . DG  A 1 2  ? 8.791   -11.196 -10.249 1.00 25.51 ? 2  DG  A P     1 
ATOM   18  O OP1   . DG  A 1 2  ? 8.318   -12.343 -11.160 1.00 23.49 ? 2  DG  A OP1   1 
ATOM   19  O OP2   . DG  A 1 2  ? 7.755   -10.019 -10.485 1.00 24.21 ? 2  DG  A OP2   1 
ATOM   20  O "O5'" . DG  A 1 2  ? 9.019   -11.606 -8.813  1.00 22.51 ? 2  DG  A "O5'" 1 
ATOM   21  C "C5'" . DG  A 1 2  ? 9.317   -12.952 -8.412  1.00 22.18 ? 2  DG  A "C5'" 1 
ATOM   22  C "C4'" . DG  A 1 2  ? 7.974   -13.516 -7.951  1.00 21.85 ? 2  DG  A "C4'" 1 
ATOM   23  O "O4'" . DG  A 1 2  ? 7.994   -13.515 -6.517  1.00 21.01 ? 2  DG  A "O4'" 1 
ATOM   24  C "C3'" . DG  A 1 2  ? 6.723   -12.706 -8.267  1.00 21.14 ? 2  DG  A "C3'" 1 
ATOM   25  O "O3'" . DG  A 1 2  ? 5.478   -13.385 -8.033  1.00 21.47 ? 2  DG  A "O3'" 1 
ATOM   26  C "C2'" . DG  A 1 2  ? 6.912   -11.555 -7.320  1.00 21.06 ? 2  DG  A "C2'" 1 
ATOM   27  C "C1'" . DG  A 1 2  ? 7.763   -12.197 -6.149  1.00 20.11 ? 2  DG  A "C1'" 1 
ATOM   28  N N9    . DG  A 1 2  ? 8.877   -11.268 -5.998  1.00 19.25 ? 2  DG  A N9    1 
ATOM   29  C C8    . DG  A 1 2  ? 9.210   -10.259 -6.877  1.00 19.54 ? 2  DG  A C8    1 
ATOM   30  N N7    . DG  A 1 2  ? 10.104  -9.428  -6.462  1.00 19.45 ? 2  DG  A N7    1 
ATOM   31  C C5    . DG  A 1 2  ? 10.318  -9.854  -5.170  1.00 18.69 ? 2  DG  A C5    1 
ATOM   32  C C6    . DG  A 1 2  ? 11.192  -9.302  -4.184  1.00 18.70 ? 2  DG  A C6    1 
ATOM   33  O O6    . DG  A 1 2  ? 11.875  -8.326  -4.480  1.00 18.20 ? 2  DG  A O6    1 
ATOM   34  N N1    . DG  A 1 2  ? 11.169  -9.977  -3.007  1.00 18.37 ? 2  DG  A N1    1 
ATOM   35  C C2    . DG  A 1 2  ? 10.386  -11.085 -2.824  1.00 18.55 ? 2  DG  A C2    1 
ATOM   36  N N2    . DG  A 1 2  ? 10.410  -11.636 -1.602  1.00 18.80 ? 2  DG  A N2    1 
ATOM   37  N N3    . DG  A 1 2  ? 9.554   -11.653 -3.697  1.00 18.46 ? 2  DG  A N3    1 
ATOM   38  C C4    . DG  A 1 2  ? 9.573   -10.971 -4.860  1.00 18.93 ? 2  DG  A C4    1 
ATOM   39  P P     . DC  A 1 3  ? 4.646   -13.470 -6.675  1.00 22.45 ? 3  DC  A P     1 
ATOM   40  O OP1   . DC  A 1 3  ? 3.974   -14.892 -6.576  1.00 21.55 ? 3  DC  A OP1   1 
ATOM   41  O OP2   . DC  A 1 3  ? 3.458   -12.467 -6.809  1.00 22.53 ? 3  DC  A OP2   1 
ATOM   42  O "O5'" . DC  A 1 3  ? 5.432   -13.245 -5.407  1.00 17.12 ? 3  DC  A "O5'" 1 
ATOM   43  C "C5'" . DC  A 1 3  ? 4.734   -13.905 -4.257  1.00 15.62 ? 3  DC  A "C5'" 1 
ATOM   44  C "C4'" . DC  A 1 3  ? 5.365   -13.310 -3.055  1.00 14.86 ? 3  DC  A "C4'" 1 
ATOM   45  O "O4'" . DC  A 1 3  ? 6.120   -12.158 -3.468  1.00 15.08 ? 3  DC  A "O4'" 1 
ATOM   46  C "C3'" . DC  A 1 3  ? 4.463   -12.692 -2.010  1.00 14.37 ? 3  DC  A "C3'" 1 
ATOM   47  O "O3'" . DC  A 1 3  ? 3.948   -13.711 -1.151  1.00 14.87 ? 3  DC  A "O3'" 1 
ATOM   48  C "C2'" . DC  A 1 3  ? 5.348   -11.685 -1.295  1.00 13.95 ? 3  DC  A "C2'" 1 
ATOM   49  C "C1'" . DC  A 1 3  ? 6.530   -11.559 -2.147  1.00 13.44 ? 3  DC  A "C1'" 1 
ATOM   50  N N1    . DC  A 1 3  ? 6.943   -10.236 -2.582  1.00 12.50 ? 3  DC  A N1    1 
ATOM   51  C C2    . DC  A 1 3  ? 7.610   -9.440  -1.693  1.00 12.40 ? 3  DC  A C2    1 
ATOM   52  O O2    . DC  A 1 3  ? 7.766   -9.868  -0.550  1.00 12.06 ? 3  DC  A O2    1 
ATOM   53  N N3    . DC  A 1 3  ? 8.013   -8.218  -2.162  1.00 12.41 ? 3  DC  A N3    1 
ATOM   54  C C4    . DC  A 1 3  ? 7.809   -7.836  -3.451  1.00 12.15 ? 3  DC  A C4    1 
ATOM   55  N N4    . DC  A 1 3  ? 8.196   -6.621  -3.891  1.00 12.61 ? 3  DC  A N4    1 
ATOM   56  C C5    . DC  A 1 3  ? 7.143   -8.692  -4.361  1.00 11.97 ? 3  DC  A C5    1 
ATOM   57  C C6    . DC  A 1 3  ? 6.774   -9.876  -3.903  1.00 11.95 ? 3  DC  A C6    1 
ATOM   58  P P     . DG  A 1 4  ? 2.693   -13.175 -0.367  1.00 19.16 ? 4  DG  A P     1 
ATOM   59  O OP1   . DG  A 1 4  ? 1.741   -14.265 0.090   1.00 18.08 ? 4  DG  A OP1   1 
ATOM   60  O OP2   . DG  A 1 4  ? 1.910   -12.510 -1.653  1.00 16.17 ? 4  DG  A OP2   1 
ATOM   61  O "O5'" . DG  A 1 4  ? 3.093   -12.167 0.665   1.00 15.80 ? 4  DG  A "O5'" 1 
ATOM   62  C "C5'" . DG  A 1 4  ? 4.285   -11.711 1.224   1.00 15.57 ? 4  DG  A "C5'" 1 
ATOM   63  C "C4'" . DG  A 1 4  ? 4.046   -11.669 2.702   1.00 16.04 ? 4  DG  A "C4'" 1 
ATOM   64  O "O4'" . DG  A 1 4  ? 4.504   -10.395 3.238   1.00 15.67 ? 4  DG  A "O4'" 1 
ATOM   65  C "C3'" . DG  A 1 4  ? 2.594   -11.550 3.199   1.00 16.15 ? 4  DG  A "C3'" 1 
ATOM   66  O "O3'" . DG  A 1 4  ? 2.625   -11.596 4.610   1.00 17.23 ? 4  DG  A "O3'" 1 
ATOM   67  C "C2'" . DG  A 1 4  ? 2.227   -10.191 2.596   1.00 15.54 ? 4  DG  A "C2'" 1 
ATOM   68  C "C1'" . DG  A 1 4  ? 3.595   -9.454  2.657   1.00 14.58 ? 4  DG  A "C1'" 1 
ATOM   69  N N9    . DG  A 1 4  ? 3.975   -8.915  1.363   1.00 13.66 ? 4  DG  A N9    1 
ATOM   70  C C8    . DG  A 1 4  ? 3.362   -9.079  0.137   1.00 12.95 ? 4  DG  A C8    1 
ATOM   71  N N7    . DG  A 1 4  ? 3.807   -8.310  -0.809  1.00 12.45 ? 4  DG  A N7    1 
ATOM   72  C C5    . DG  A 1 4  ? 4.771   -7.543  -0.168  1.00 12.69 ? 4  DG  A C5    1 
ATOM   73  C C6    . DG  A 1 4  ? 5.636   -6.543  -0.669  1.00 12.84 ? 4  DG  A C6    1 
ATOM   74  O O6    . DG  A 1 4  ? 5.625   -6.117  -1.817  1.00 13.13 ? 4  DG  A O6    1 
ATOM   75  N N1    . DG  A 1 4  ? 6.479   -6.009  0.265   1.00 12.92 ? 4  DG  A N1    1 
ATOM   76  C C2    . DG  A 1 4  ? 6.460   -6.393  1.577   1.00 12.24 ? 4  DG  A C2    1 
ATOM   77  N N2    . DG  A 1 4  ? 7.326   -5.780  2.345   1.00 11.92 ? 4  DG  A N2    1 
ATOM   78  N N3    . DG  A 1 4  ? 5.665   -7.312  2.104   1.00 12.39 ? 4  DG  A N3    1 
ATOM   79  C C4    . DG  A 1 4  ? 4.883   -7.877  1.166   1.00 13.04 ? 4  DG  A C4    1 
ATOM   80  P P     . DA  A 1 5  ? 2.232   -10.431 5.564   1.00 22.28 ? 5  DA  A P     1 
ATOM   81  O OP1   . DA  A 1 5  ? 2.988   -10.471 6.875   1.00 21.30 ? 5  DA  A OP1   1 
ATOM   82  O OP2   . DA  A 1 5  ? 0.719   -10.607 5.803   1.00 20.31 ? 5  DA  A OP2   1 
ATOM   83  O "O5'" . DA  A 1 5  ? 2.582   -9.049  4.832   1.00 20.74 ? 5  DA  A "O5'" 1 
ATOM   84  C "C5'" . DA  A 1 5  ? 3.875   -8.446  5.144   1.00 20.41 ? 5  DA  A "C5'" 1 
ATOM   85  C "C4'" . DA  A 1 5  ? 3.735   -7.269  6.070   1.00 19.68 ? 5  DA  A "C4'" 1 
ATOM   86  O "O4'" . DA  A 1 5  ? 4.088   -6.059  5.381   1.00 19.04 ? 5  DA  A "O4'" 1 
ATOM   87  C "C3'" . DA  A 1 5  ? 2.358   -6.994  6.637   1.00 19.15 ? 5  DA  A "C3'" 1 
ATOM   88  O "O3'" . DA  A 1 5  ? 2.424   -6.452  7.948   1.00 19.50 ? 5  DA  A "O3'" 1 
ATOM   89  C "C2'" . DA  A 1 5  ? 1.761   -6.134  5.544   1.00 19.00 ? 5  DA  A "C2'" 1 
ATOM   90  C "C1'" . DA  A 1 5  ? 2.958   -5.485  4.835   1.00 18.18 ? 5  DA  A "C1'" 1 
ATOM   91  N N9    . DA  A 1 5  ? 2.805   -5.593  3.369   1.00 17.58 ? 5  DA  A N9    1 
ATOM   92  C C8    . DA  A 1 5  ? 1.996   -6.415  2.648   1.00 17.13 ? 5  DA  A C8    1 
ATOM   93  N N7    . DA  A 1 5  ? 1.988   -6.163  1.357   1.00 16.98 ? 5  DA  A N7    1 
ATOM   94  C C5    . DA  A 1 5  ? 2.833   -5.080  1.213   1.00 16.74 ? 5  DA  A C5    1 
ATOM   95  C C6    . DA  A 1 5  ? 3.203   -4.328  0.073   1.00 16.66 ? 5  DA  A C6    1 
ATOM   96  N N6    . DA  A 1 5  ? 2.856   -4.621  -1.188  1.00 16.14 ? 5  DA  A N6    1 
ATOM   97  N N1    . DA  A 1 5  ? 4.003   -3.251  0.322   1.00 16.10 ? 5  DA  A N1    1 
ATOM   98  C C2    . DA  A 1 5  ? 4.428   -2.974  1.600   1.00 16.81 ? 5  DA  A C2    1 
ATOM   99  N N3    . DA  A 1 5  ? 4.146   -3.657  2.723   1.00 17.06 ? 5  DA  A N3    1 
ATOM   100 C C4    . DA  A 1 5  ? 3.333   -4.709  2.444   1.00 17.00 ? 5  DA  A C4    1 
ATOM   101 P P     . DT  A 1 6  ? 2.873   -5.222  8.611   1.00 21.74 ? 6  DT  A P     1 
ATOM   102 O OP1   . DT  A 1 6  ? 4.266   -5.084  9.226   1.00 20.25 ? 6  DT  A OP1   1 
ATOM   103 O OP2   . DT  A 1 6  ? 1.918   -4.648  9.654   1.00 19.12 ? 6  DT  A OP2   1 
ATOM   104 O "O5'" . DT  A 1 6  ? 2.997   -4.073  7.362   1.00 18.93 ? 6  DT  A "O5'" 1 
ATOM   105 C "C5'" . DT  A 1 6  ? 4.380   -3.572  7.290   1.00 17.68 ? 6  DT  A "C5'" 1 
ATOM   106 C "C4'" . DT  A 1 6  ? 4.478   -2.107  7.304   1.00 16.93 ? 6  DT  A "C4'" 1 
ATOM   107 O "O4'" . DT  A 1 6  ? 4.055   -1.508  6.017   1.00 15.64 ? 6  DT  A "O4'" 1 
ATOM   108 C "C3'" . DT  A 1 6  ? 3.614   -1.276  8.275   1.00 16.65 ? 6  DT  A "C3'" 1 
ATOM   109 O "O3'" . DT  A 1 6  ? 4.079   0.048   8.284   1.00 18.55 ? 6  DT  A "O3'" 1 
ATOM   110 C "C2'" . DT  A 1 6  ? 2.267   -1.505  7.556   1.00 15.80 ? 6  DT  A "C2'" 1 
ATOM   111 C "C1'" . DT  A 1 6  ? 2.648   -1.136  6.154   1.00 13.19 ? 6  DT  A "C1'" 1 
ATOM   112 N N1    . DT  A 1 6  ? 1.856   -1.761  5.073   1.00 11.56 ? 6  DT  A N1    1 
ATOM   113 C C2    . DT  A 1 6  ? 2.183   -1.274  3.800   1.00 10.00 ? 6  DT  A C2    1 
ATOM   114 O O2    . DT  A 1 6  ? 3.079   -0.427  3.726   1.00 10.96 ? 6  DT  A O2    1 
ATOM   115 N N3    . DT  A 1 6  ? 1.578   -1.808  2.745   1.00 9.57  ? 6  DT  A N3    1 
ATOM   116 C C4    . DT  A 1 6  ? 0.604   -2.747  2.817   1.00 9.89  ? 6  DT  A C4    1 
ATOM   117 O O4    . DT  A 1 6  ? 0.001   -3.076  1.759   1.00 8.77  ? 6  DT  A O4    1 
ATOM   118 C C5    . DT  A 1 6  ? 0.261   -3.255  4.120   1.00 9.73  ? 6  DT  A C5    1 
ATOM   119 C C7    . DT  A 1 6  ? -0.763  -4.303  4.277   1.00 9.13  ? 6  DT  A C7    1 
ATOM   120 C C6    . DT  A 1 6  ? 0.929   -2.744  5.178   1.00 10.45 ? 6  DT  A C6    1 
ATOM   121 P P     . DA  A 1 7  ? 3.297   1.461   8.573   1.00 23.49 ? 7  DA  A P     1 
ATOM   122 O OP1   . DA  A 1 7  ? 4.131   2.285   9.609   1.00 20.23 ? 7  DA  A OP1   1 
ATOM   123 O OP2   . DA  A 1 7  ? 2.033   1.005   9.304   1.00 20.65 ? 7  DA  A OP2   1 
ATOM   124 O "O5'" . DA  A 1 7  ? 3.282   2.146   7.188   1.00 19.22 ? 7  DA  A "O5'" 1 
ATOM   125 C "C5'" . DA  A 1 7  ? 4.615   2.565   6.656   1.00 18.89 ? 7  DA  A "C5'" 1 
ATOM   126 C "C4'" . DA  A 1 7  ? 4.212   3.412   5.466   1.00 17.96 ? 7  DA  A "C4'" 1 
ATOM   127 O "O4'" . DA  A 1 7  ? 3.398   2.648   4.558   1.00 18.15 ? 7  DA  A "O4'" 1 
ATOM   128 C "C3'" . DA  A 1 7  ? 3.279   4.579   5.840   1.00 17.75 ? 7  DA  A "C3'" 1 
ATOM   129 O "O3'" . DA  A 1 7  ? 3.177   5.513   4.755   1.00 17.97 ? 7  DA  A "O3'" 1 
ATOM   130 C "C2'" . DA  A 1 7  ? 1.983   3.773   5.984   1.00 16.83 ? 7  DA  A "C2'" 1 
ATOM   131 C "C1'" . DA  A 1 7  ? 2.046   3.242   4.519   1.00 15.44 ? 7  DA  A "C1'" 1 
ATOM   132 N N9    . DA  A 1 7  ? 0.954   2.366   4.245   1.00 13.80 ? 7  DA  A N9    1 
ATOM   133 C C8    . DA  A 1 7  ? 0.185   1.677   5.168   1.00 13.78 ? 7  DA  A C8    1 
ATOM   134 N N7    . DA  A 1 7  ? -0.776  0.898   4.649   1.00 12.97 ? 7  DA  A N7    1 
ATOM   135 C C5    . DA  A 1 7  ? -0.589  1.094   3.288   1.00 12.64 ? 7  DA  A C5    1 
ATOM   136 C C6    . DA  A 1 7  ? -1.278  0.538   2.200   1.00 12.39 ? 7  DA  A C6    1 
ATOM   137 N N6    . DA  A 1 7  ? -2.279  -0.320  2.376   1.00 12.56 ? 7  DA  A N6    1 
ATOM   138 N N1    . DA  A 1 7  ? -0.907  0.988   0.979   1.00 11.85 ? 7  DA  A N1    1 
ATOM   139 C C2    . DA  A 1 7  ? 0.060   1.946   0.862   1.00 12.25 ? 7  DA  A C2    1 
ATOM   140 N N3    . DA  A 1 7  ? 0.813   2.437   1.844   1.00 13.15 ? 7  DA  A N3    1 
ATOM   141 C C4    . DA  A 1 7  ? 0.422   1.999   3.034   1.00 12.71 ? 7  DA  A C4    1 
ATOM   142 P P     . DT  A 1 8  ? 3.527   7.109   5.153   1.00 21.39 ? 8  DT  A P     1 
ATOM   143 O OP1   . DT  A 1 8  ? 4.784   7.560   4.464   1.00 17.57 ? 8  DT  A OP1   1 
ATOM   144 O OP2   . DT  A 1 8  ? 3.356   7.173   6.578   1.00 18.33 ? 8  DT  A OP2   1 
ATOM   145 O "O5'" . DT  A 1 8  ? 2.197   7.661   4.201   1.00 17.44 ? 8  DT  A "O5'" 1 
ATOM   146 C "C5'" . DT  A 1 8  ? 2.604   7.419   2.788   1.00 15.49 ? 8  DT  A "C5'" 1 
ATOM   147 C "C4'" . DT  A 1 8  ? 1.388   7.762   1.962   1.00 14.75 ? 8  DT  A "C4'" 1 
ATOM   148 O "O4'" . DT  A 1 8  ? 0.637   6.543   1.792   1.00 14.22 ? 8  DT  A "O4'" 1 
ATOM   149 C "C3'" . DT  A 1 8  ? 0.442   8.818   2.527   1.00 13.70 ? 8  DT  A "C3'" 1 
ATOM   150 O "O3'" . DT  A 1 8  ? -0.150  9.648   1.572   1.00 14.99 ? 8  DT  A "O3'" 1 
ATOM   151 C "C2'" . DT  A 1 8  ? -0.587  7.897   3.260   1.00 12.94 ? 8  DT  A "C2'" 1 
ATOM   152 C "C1'" . DT  A 1 8  ? -0.723  6.820   2.196   1.00 11.87 ? 8  DT  A "C1'" 1 
ATOM   153 N N1    . DT  A 1 8  ? -1.465  5.640   2.614   1.00 10.85 ? 8  DT  A N1    1 
ATOM   154 C C2    . DT  A 1 8  ? -2.169  4.988   1.601   1.00 10.10 ? 8  DT  A C2    1 
ATOM   155 O O2    . DT  A 1 8  ? -2.023  5.393   0.441   1.00 11.08 ? 8  DT  A O2    1 
ATOM   156 N N3    . DT  A 1 8  ? -2.956  3.931   1.908   1.00 9.87  ? 8  DT  A N3    1 
ATOM   157 C C4    . DT  A 1 8  ? -3.095  3.496   3.210   1.00 9.80  ? 8  DT  A C4    1 
ATOM   158 O O4    . DT  A 1 8  ? -3.827  2.480   3.407   1.00 8.84  ? 8  DT  A O4    1 
ATOM   159 C C5    . DT  A 1 8  ? -2.356  4.155   4.233   1.00 9.43  ? 8  DT  A C5    1 
ATOM   160 C C7    . DT  A 1 8  ? -2.450  3.698   5.662   1.00 9.82  ? 8  DT  A C7    1 
ATOM   161 C C6    . DT  A 1 8  ? -1.580  5.192   3.902   1.00 10.00 ? 8  DT  A C6    1 
ATOM   162 P P     . DC  A 1 9  ? 0.418   10.846  0.590   1.00 18.90 ? 9  DC  A P     1 
ATOM   163 O OP1   . DC  A 1 9  ? 1.789   10.160  0.148   1.00 15.42 ? 9  DC  A OP1   1 
ATOM   164 O OP2   . DC  A 1 9  ? 0.536   12.049  1.380   1.00 15.12 ? 9  DC  A OP2   1 
ATOM   165 O "O5'" . DC  A 1 9  ? -0.562  10.855  -0.657  1.00 13.73 ? 9  DC  A "O5'" 1 
ATOM   166 C "C5'" . DC  A 1 9  ? -1.270  9.589   -0.677  1.00 14.08 ? 9  DC  A "C5'" 1 
ATOM   167 C "C4'" . DC  A 1 9  ? -1.900  9.362   -1.996  1.00 14.61 ? 9  DC  A "C4'" 1 
ATOM   168 O "O4'" . DC  A 1 9  ? -2.600  8.101   -1.814  1.00 14.04 ? 9  DC  A "O4'" 1 
ATOM   169 C "C3'" . DC  A 1 9  ? -3.049  10.283  -2.419  1.00 15.13 ? 9  DC  A "C3'" 1 
ATOM   170 O "O3'" . DC  A 1 9  ? -3.762  9.849   -3.576  1.00 16.18 ? 9  DC  A "O3'" 1 
ATOM   171 C "C2'" . DC  A 1 9  ? -3.959  10.032  -1.169  1.00 14.18 ? 9  DC  A "C2'" 1 
ATOM   172 C "C1'" . DC  A 1 9  ? -3.912  8.505   -1.358  1.00 13.67 ? 9  DC  A "C1'" 1 
ATOM   173 N N1    . DC  A 1 9  ? -4.278  7.897   -0.100  1.00 12.94 ? 9  DC  A N1    1 
ATOM   174 C C2    . DC  A 1 9  ? -5.227  6.875   -0.274  1.00 12.95 ? 9  DC  A C2    1 
ATOM   175 O O2    . DC  A 1 9  ? -5.552  6.653   -1.452  1.00 12.86 ? 9  DC  A O2    1 
ATOM   176 N N3    . DC  A 1 9  ? -5.698  6.285   0.849   1.00 12.88 ? 9  DC  A N3    1 
ATOM   177 C C4    . DC  A 1 9  ? -5.296  6.677   2.074   1.00 13.10 ? 9  DC  A C4    1 
ATOM   178 N N4    . DC  A 1 9  ? -5.767  6.068   3.169   1.00 13.79 ? 9  DC  A N4    1 
ATOM   179 C C5    . DC  A 1 9  ? -4.356  7.745   2.250   1.00 13.02 ? 9  DC  A C5    1 
ATOM   180 C C6    . DC  A 1 9  ? -3.892  8.310   1.113   1.00 12.96 ? 9  DC  A C6    1 
ATOM   181 P P     . DG  A 1 10 ? -3.975  10.841  -4.794  1.00 21.01 ? 10 DG  A P     1 
ATOM   182 O OP1   . DG  A 1 10 ? -3.597  10.568  -6.121  1.00 17.65 ? 10 DG  A OP1   1 
ATOM   183 O OP2   . DG  A 1 10 ? -3.408  12.178  -4.164  1.00 19.91 ? 10 DG  A OP2   1 
ATOM   184 O "O5'" . DG  A 1 10 ? -5.686  10.970  -4.633  1.00 18.51 ? 10 DG  A "O5'" 1 
ATOM   185 C "C5'" . DG  A 1 10 ? -6.209  10.613  -6.025  1.00 17.19 ? 10 DG  A "C5'" 1 
ATOM   186 C "C4'" . DG  A 1 10 ? -7.648  10.193  -5.730  1.00 15.94 ? 10 DG  A "C4'" 1 
ATOM   187 O "O4'" . DG  A 1 10 ? -7.675  9.382   -4.549  1.00 15.25 ? 10 DG  A "O4'" 1 
ATOM   188 C "C3'" . DG  A 1 10 ? -8.536  11.405  -5.497  1.00 15.64 ? 10 DG  A "C3'" 1 
ATOM   189 O "O3'" . DG  A 1 10 ? -9.874  11.324  -5.957  1.00 16.88 ? 10 DG  A "O3'" 1 
ATOM   190 C "C2'" . DG  A 1 10 ? -8.360  11.545  -3.978  1.00 15.13 ? 10 DG  A "C2'" 1 
ATOM   191 C "C1'" . DG  A 1 10 ? -8.341  10.056  -3.532  1.00 12.66 ? 10 DG  A "C1'" 1 
ATOM   192 N N9    . DG  A 1 10 ? -7.893  10.023  -2.158  1.00 11.15 ? 10 DG  A N9    1 
ATOM   193 C C8    . DG  A 1 10 ? -7.192  10.954  -1.412  1.00 10.42 ? 10 DG  A C8    1 
ATOM   194 N N7    . DG  A 1 10 ? -7.166  10.705  -0.108  1.00 9.56  ? 10 DG  A N7    1 
ATOM   195 C C5    . DG  A 1 10 ? -7.893  9.526   0.001   1.00 9.89  ? 10 DG  A C5    1 
ATOM   196 C C6    . DG  A 1 10 ? -8.137  8.681   1.102   1.00 9.97  ? 10 DG  A C6    1 
ATOM   197 O O6    . DG  A 1 10 ? -7.811  8.902   2.259   1.00 10.67 ? 10 DG  A O6    1 
ATOM   198 N N1    . DG  A 1 10 ? -8.849  7.530   0.842   1.00 9.37  ? 10 DG  A N1    1 
ATOM   199 C C2    . DG  A 1 10 ? -9.272  7.227   -0.385  1.00 9.64  ? 10 DG  A C2    1 
ATOM   200 N N2    . DG  A 1 10 ? -10.007 6.097   -0.506  1.00 9.57  ? 10 DG  A N2    1 
ATOM   201 N N3    . DG  A 1 10 ? -9.012  7.963   -1.490  1.00 10.00 ? 10 DG  A N3    1 
ATOM   202 C C4    . DG  A 1 10 ? -8.336  9.085   -1.226  1.00 10.02 ? 10 DG  A C4    1 
ATOM   203 P P     . DC  A 1 11 ? -10.143 10.384  -7.273  1.00 21.21 ? 11 DC  A P     1 
ATOM   204 O OP1   . DC  A 1 11 ? -9.644  9.053   -6.765  1.00 19.67 ? 11 DC  A OP1   1 
ATOM   205 O OP2   . DC  A 1 11 ? -9.607  10.927  -8.489  1.00 20.61 ? 11 DC  A OP2   1 
ATOM   206 O "O5'" . DC  A 1 11 ? -11.779 10.288  -7.441  1.00 18.65 ? 11 DC  A "O5'" 1 
ATOM   207 C "C5'" . DC  A 1 11 ? -12.115 8.865   -7.714  1.00 16.89 ? 11 DC  A "C5'" 1 
ATOM   208 C "C4'" . DC  A 1 11 ? -12.108 8.221   -6.375  1.00 15.78 ? 11 DC  A "C4'" 1 
ATOM   209 O "O4'" . DC  A 1 11 ? -11.643 9.136   -5.336  1.00 14.08 ? 11 DC  A "O4'" 1 
ATOM   210 C "C3'" . DC  A 1 11 ? -13.511 7.875   -5.874  1.00 16.13 ? 11 DC  A "C3'" 1 
ATOM   211 O "O3'" . DC  A 1 11 ? -13.964 6.618   -6.448  1.00 18.51 ? 11 DC  A "O3'" 1 
ATOM   212 C "C2'" . DC  A 1 11 ? -13.421 7.879   -4.393  1.00 14.41 ? 11 DC  A "C2'" 1 
ATOM   213 C "C1'" . DC  A 1 11 ? -12.057 8.444   -4.167  1.00 12.51 ? 11 DC  A "C1'" 1 
ATOM   214 N N1    . DC  A 1 11 ? -12.019 9.352   -3.023  1.00 11.74 ? 11 DC  A N1    1 
ATOM   215 C C2    . DC  A 1 11 ? -12.549 8.803   -1.834  1.00 10.14 ? 11 DC  A C2    1 
ATOM   216 O O2    . DC  A 1 11 ? -13.183 7.737   -1.975  1.00 9.72  ? 11 DC  A O2    1 
ATOM   217 N N3    . DC  A 1 11 ? -12.366 9.546   -0.743  1.00 9.82  ? 11 DC  A N3    1 
ATOM   218 C C4    . DC  A 1 11 ? -11.722 10.737  -0.743  1.00 9.96  ? 11 DC  A C4    1 
ATOM   219 N N4    . DC  A 1 11 ? -11.576 11.464  0.357   1.00 10.39 ? 11 DC  A N4    1 
ATOM   220 C C5    . DC  A 1 11 ? -11.177 11.261  -1.935  1.00 10.93 ? 11 DC  A C5    1 
ATOM   221 C C6    . DC  A 1 11 ? -11.335 10.511  -3.072  1.00 10.75 ? 11 DC  A C6    1 
ATOM   222 P P     . DG  A 1 12 ? -15.434 7.096   -7.303  1.00 22.45 ? 12 DG  A P     1 
ATOM   223 O OP1   . DG  A 1 12 ? -15.964 5.763   -7.780  1.00 22.30 ? 12 DG  A OP1   1 
ATOM   224 O OP2   . DG  A 1 12 ? -14.734 7.855   -8.365  1.00 20.78 ? 12 DG  A OP2   1 
ATOM   225 O "O5'" . DG  A 1 12 ? -16.234 7.724   -6.078  1.00 18.79 ? 12 DG  A "O5'" 1 
ATOM   226 C "C5'" . DG  A 1 12 ? -17.677 7.678   -6.044  1.00 17.94 ? 12 DG  A "C5'" 1 
ATOM   227 C "C4'" . DG  A 1 12 ? -18.233 6.638   -5.090  1.00 17.11 ? 12 DG  A "C4'" 1 
ATOM   228 O "O4'" . DG  A 1 12 ? -17.228 6.325   -4.129  1.00 15.71 ? 12 DG  A "O4'" 1 
ATOM   229 C "C3'" . DG  A 1 12 ? -19.501 7.046   -4.306  1.00 16.85 ? 12 DG  A "C3'" 1 
ATOM   230 O "O3'" . DG  A 1 12 ? -20.576 6.069   -4.217  1.00 16.29 ? 12 DG  A "O3'" 1 
ATOM   231 C "C2'" . DG  A 1 12 ? -18.999 7.362   -2.896  1.00 16.21 ? 12 DG  A "C2'" 1 
ATOM   232 C "C1'" . DG  A 1 12 ? -17.527 7.053   -2.926  1.00 15.12 ? 12 DG  A "C1'" 1 
ATOM   233 N N9    . DG  A 1 12 ? -16.767 8.314   -2.896  1.00 14.49 ? 12 DG  A N9    1 
ATOM   234 C C8    . DG  A 1 12 ? -16.307 9.095   -3.918  1.00 14.42 ? 12 DG  A C8    1 
ATOM   235 N N7    . DG  A 1 12 ? -15.661 10.166  -3.467  1.00 14.64 ? 12 DG  A N7    1 
ATOM   236 C C5    . DG  A 1 12 ? -15.719 10.068  -2.090  1.00 13.76 ? 12 DG  A C5    1 
ATOM   237 C C6    . DG  A 1 12 ? -15.216 10.893  -1.060  1.00 14.26 ? 12 DG  A C6    1 
ATOM   238 O O6    . DG  A 1 12 ? -14.552 11.939  -1.185  1.00 14.55 ? 12 DG  A O6    1 
ATOM   239 N N1    . DG  A 1 12 ? -15.460 10.433  0.232   1.00 13.69 ? 12 DG  A N1    1 
ATOM   240 C C2    . DG  A 1 12 ? -16.176 9.309   0.427   1.00 13.96 ? 12 DG  A C2    1 
ATOM   241 N N2    . DG  A 1 12 ? -16.401 8.925   1.706   1.00 14.58 ? 12 DG  A N2    1 
ATOM   242 N N3    . DG  A 1 12 ? -16.681 8.483   -0.506  1.00 13.67 ? 12 DG  A N3    1 
ATOM   243 C C4    . DG  A 1 12 ? -16.407 8.947   -1.730  1.00 14.00 ? 12 DG  A C4    1 
ATOM   244 O "O5'" . DC  B 1 1  ? -12.370 12.447  7.839   1.00 23.50 ? 13 DC  B "O5'" 1 
ATOM   245 C "C5'" . DC  B 1 1  ? -13.439 12.842  8.806   1.00 21.72 ? 13 DC  B "C5'" 1 
ATOM   246 C "C4'" . DC  B 1 1  ? -14.514 11.775  8.526   1.00 21.16 ? 13 DC  B "C4'" 1 
ATOM   247 O "O4'" . DC  B 1 1  ? -15.029 11.996  7.233   1.00 20.70 ? 13 DC  B "O4'" 1 
ATOM   248 C "C3'" . DC  B 1 1  ? -13.984 10.359  8.563   1.00 20.69 ? 13 DC  B "C3'" 1 
ATOM   249 O "O3'" . DC  B 1 1  ? -14.952 9.442   9.129   1.00 20.23 ? 13 DC  B "O3'" 1 
ATOM   250 C "C2'" . DC  B 1 1  ? -13.624 10.076  7.098   1.00 20.28 ? 13 DC  B "C2'" 1 
ATOM   251 C "C1'" . DC  B 1 1  ? -14.653 10.866  6.360   1.00 19.78 ? 13 DC  B "C1'" 1 
ATOM   252 N N1    . DC  B 1 1  ? -14.230 11.419  5.061   1.00 18.95 ? 13 DC  B N1    1 
ATOM   253 C C2    . DC  B 1 1  ? -14.810 10.826  3.935   1.00 18.76 ? 13 DC  B C2    1 
ATOM   254 O O2    . DC  B 1 1  ? -15.529 9.834   4.006   1.00 17.75 ? 13 DC  B O2    1 
ATOM   255 N N3    . DC  B 1 1  ? -14.503 11.354  2.717   1.00 18.35 ? 13 DC  B N3    1 
ATOM   256 C C4    . DC  B 1 1  ? -13.711 12.459  2.601   1.00 18.28 ? 13 DC  B C4    1 
ATOM   257 N N4    . DC  B 1 1  ? -13.495 12.894  1.349   1.00 18.07 ? 13 DC  B N4    1 
ATOM   258 C C5    . DC  B 1 1  ? -13.256 13.112  3.761   1.00 17.96 ? 13 DC  B C5    1 
ATOM   259 C C6    . DC  B 1 1  ? -13.534 12.585  4.934   1.00 18.08 ? 13 DC  B C6    1 
ATOM   260 P P     . DG  B 1 2  ? -14.158 8.193   9.920   1.00 20.51 ? 14 DG  B P     1 
ATOM   261 O OP1   . DG  B 1 2  ? -14.981 7.720   11.068  1.00 18.57 ? 14 DG  B OP1   1 
ATOM   262 O OP2   . DG  B 1 2  ? -12.898 8.905   10.326  1.00 19.67 ? 14 DG  B OP2   1 
ATOM   263 O "O5'" . DG  B 1 2  ? -14.012 7.157   8.742   1.00 18.46 ? 14 DG  B "O5'" 1 
ATOM   264 C "C5'" . DG  B 1 2  ? -14.188 5.757   9.054   1.00 17.74 ? 14 DG  B "C5'" 1 
ATOM   265 C "C4'" . DG  B 1 2  ? -14.885 5.148   7.861   1.00 17.93 ? 14 DG  B "C4'" 1 
ATOM   266 O "O4'" . DG  B 1 2  ? -14.927 5.972   6.714   1.00 17.27 ? 14 DG  B "O4'" 1 
ATOM   267 C "C3'" . DG  B 1 2  ? -14.201 3.828   7.408   1.00 17.61 ? 14 DG  B "C3'" 1 
ATOM   268 O "O3'" . DG  B 1 2  ? -15.247 2.856   7.157   1.00 18.55 ? 14 DG  B "O3'" 1 
ATOM   269 C "C2'" . DG  B 1 2  ? -13.417 4.239   6.228   1.00 16.90 ? 14 DG  B "C2'" 1 
ATOM   270 C "C1'" . DG  B 1 2  ? -14.241 5.323   5.589   1.00 16.08 ? 14 DG  B "C1'" 1 
ATOM   271 N N9    . DG  B 1 2  ? -13.402 6.324   4.936   1.00 15.38 ? 14 DG  B N9    1 
ATOM   272 C C8    . DG  B 1 2  ? -12.604 7.182   5.674   1.00 15.06 ? 14 DG  B C8    1 
ATOM   273 N N7    . DG  B 1 2  ? -11.956 8.026   4.898   1.00 14.88 ? 14 DG  B N7    1 
ATOM   274 C C5    . DG  B 1 2  ? -12.398 7.760   3.626   1.00 13.49 ? 14 DG  B C5    1 
ATOM   275 C C6    . DG  B 1 2  ? -12.037 8.391   2.418   1.00 13.69 ? 14 DG  B C6    1 
ATOM   276 O O6    . DG  B 1 2  ? -11.227 9.360   2.405   1.00 13.82 ? 14 DG  B O6    1 
ATOM   277 N N1    . DG  B 1 2  ? -12.577 7.823   1.310   1.00 12.75 ? 14 DG  B N1    1 
ATOM   278 C C2    . DG  B 1 2  ? -13.464 6.781   1.421   1.00 13.62 ? 14 DG  B C2    1 
ATOM   279 N N2    . DG  B 1 2  ? -13.993 6.307   0.276   1.00 12.38 ? 14 DG  B N2    1 
ATOM   280 N N3    . DG  B 1 2  ? -13.878 6.169   2.569   1.00 13.63 ? 14 DG  B N3    1 
ATOM   281 C C4    . DG  B 1 2  ? -13.271 6.719   3.624   1.00 14.11 ? 14 DG  B C4    1 
ATOM   282 P P     . DC  B 1 3  ? -14.785 1.355   7.700   1.00 21.86 ? 15 DC  B P     1 
ATOM   283 O OP1   . DC  B 1 3  ? -15.862 0.493   8.183   1.00 20.26 ? 15 DC  B OP1   1 
ATOM   284 O OP2   . DC  B 1 3  ? -13.951 1.887   8.875   1.00 21.79 ? 15 DC  B OP2   1 
ATOM   285 O "O5'" . DC  B 1 3  ? -14.056 0.885   6.368   1.00 18.30 ? 15 DC  B "O5'" 1 
ATOM   286 C "C5'" . DC  B 1 3  ? -14.899 1.087   5.157   1.00 16.74 ? 15 DC  B "C5'" 1 
ATOM   287 C "C4'" . DC  B 1 3  ? -13.968 1.423   4.030   1.00 15.81 ? 15 DC  B "C4'" 1 
ATOM   288 O "O4'" . DC  B 1 3  ? -13.438 2.763   4.306   1.00 15.39 ? 15 DC  B "O4'" 1 
ATOM   289 C "C3'" . DC  B 1 3  ? -12.763 0.580   3.780   1.00 15.56 ? 15 DC  B "C3'" 1 
ATOM   290 O "O3'" . DC  B 1 3  ? -12.685 -0.104  2.501   1.00 16.62 ? 15 DC  B "O3'" 1 
ATOM   291 C "C2'" . DC  B 1 3  ? -11.585 1.566   3.758   1.00 15.26 ? 15 DC  B "C2'" 1 
ATOM   292 C "C1'" . DC  B 1 3  ? -12.314 2.873   3.366   1.00 13.86 ? 15 DC  B "C1'" 1 
ATOM   293 N N1    . DC  B 1 3  ? -11.332 3.917   3.526   1.00 12.50 ? 15 DC  B N1    1 
ATOM   294 C C2    . DC  B 1 3  ? -10.928 4.639   2.420   1.00 12.06 ? 15 DC  B C2    1 
ATOM   295 O O2    . DC  B 1 3  ? -11.468 4.508   1.340   1.00 11.49 ? 15 DC  B O2    1 
ATOM   296 N N3    . DC  B 1 3  ? -9.929  5.591   2.592   1.00 11.52 ? 15 DC  B N3    1 
ATOM   297 C C4    . DC  B 1 3  ? -9.394  5.829   3.798   1.00 11.13 ? 15 DC  B C4    1 
ATOM   298 N N4    . DC  B 1 3  ? -8.468  6.781   3.967   1.00 11.35 ? 15 DC  B N4    1 
ATOM   299 C C5    . DC  B 1 3  ? -9.817  5.084   4.929   1.00 11.21 ? 15 DC  B C5    1 
ATOM   300 C C6    . DC  B 1 3  ? -10.730 4.146   4.727   1.00 11.68 ? 15 DC  B C6    1 
ATOM   301 P P     . DG  B 1 4  ? -12.676 -1.714  2.618   1.00 19.62 ? 16 DG  B P     1 
ATOM   302 O OP1   . DG  B 1 4  ? -14.252 -2.063  2.817   1.00 18.52 ? 16 DG  B OP1   1 
ATOM   303 O OP2   . DG  B 1 4  ? -12.136 -1.950  4.052   1.00 17.76 ? 16 DG  B OP2   1 
ATOM   304 O "O5'" . DG  B 1 4  ? -12.206 -2.249  1.351   1.00 17.01 ? 16 DG  B "O5'" 1 
ATOM   305 C "C5'" . DG  B 1 4  ? -12.987 -2.224  0.095   1.00 16.32 ? 16 DG  B "C5'" 1 
ATOM   306 C "C4'" . DG  B 1 4  ? -12.230 -1.233  -0.780  1.00 15.50 ? 16 DG  B "C4'" 1 
ATOM   307 O "O4'" . DG  B 1 4  ? -11.558 -0.311  0.040   1.00 14.91 ? 16 DG  B "O4'" 1 
ATOM   308 C "C3'" . DG  B 1 4  ? -11.182 -1.806  -1.690  1.00 15.54 ? 16 DG  B "C3'" 1 
ATOM   309 O "O3'" . DG  B 1 4  ? -11.609 -1.772  -3.101  1.00 15.93 ? 16 DG  B "O3'" 1 
ATOM   310 C "C2'" . DG  B 1 4  ? -9.972  -0.901  -1.595  1.00 14.91 ? 16 DG  B "C2'" 1 
ATOM   311 C "C1'" . DG  B 1 4  ? -10.436 0.241   -0.813  1.00 14.39 ? 16 DG  B "C1'" 1 
ATOM   312 N N9    . DG  B 1 4  ? -9.510  0.844   0.156   1.00 13.79 ? 16 DG  B N9    1 
ATOM   313 C C8    . DG  B 1 4  ? -9.414  0.439   1.491   1.00 13.64 ? 16 DG  B C8    1 
ATOM   314 N N7    . DG  B 1 4  ? -8.643  1.195   2.208   1.00 13.47 ? 16 DG  B N7    1 
ATOM   315 C C5    . DG  B 1 4  ? -8.252  2.201   1.297   1.00 13.09 ? 16 DG  B C5    1 
ATOM   316 C C6    . DG  B 1 4  ? -7.415  3.339   1.502   1.00 13.07 ? 16 DG  B C6    1 
ATOM   317 O O6    . DG  B 1 4  ? -6.862  3.575   2.599   1.00 13.12 ? 16 DG  B O6    1 
ATOM   318 N N1    . DG  B 1 4  ? -7.260  4.098   0.386   1.00 12.64 ? 16 DG  B N1    1 
ATOM   319 C C2    . DG  B 1 4  ? -7.813  3.798   -0.805  1.00 12.53 ? 16 DG  B C2    1 
ATOM   320 N N2    . DG  B 1 4  ? -7.529  4.603   -1.848  1.00 11.55 ? 16 DG  B N2    1 
ATOM   321 N N3    . DG  B 1 4  ? -8.620  2.737   -1.044  1.00 12.95 ? 16 DG  B N3    1 
ATOM   322 C C4    . DG  B 1 4  ? -8.790  2.004   0.069   1.00 13.07 ? 16 DG  B C4    1 
ATOM   323 P P     . DA  B 1 5  ? -10.614 -2.603  -4.014  1.00 17.20 ? 17 DA  B P     1 
ATOM   324 O OP1   . DA  B 1 5  ? -11.103 -3.071  -5.286  1.00 15.24 ? 17 DA  B OP1   1 
ATOM   325 O OP2   . DA  B 1 5  ? -10.272 -3.692  -2.976  1.00 16.74 ? 17 DA  B OP2   1 
ATOM   326 O "O5'" . DA  B 1 5  ? -9.382  -1.520  -4.160  1.00 14.73 ? 17 DA  B "O5'" 1 
ATOM   327 C "C5'" . DA  B 1 5  ? -9.526  -1.041  -5.552  1.00 15.01 ? 17 DA  B "C5'" 1 
ATOM   328 C "C4'" . DA  B 1 5  ? -8.658  0.145   -5.727  1.00 14.48 ? 17 DA  B "C4'" 1 
ATOM   329 O "O4'" . DA  B 1 5  ? -8.351  0.845   -4.548  1.00 14.49 ? 17 DA  B "O4'" 1 
ATOM   330 C "C3'" . DA  B 1 5  ? -7.312  -0.271  -6.370  1.00 14.17 ? 17 DA  B "C3'" 1 
ATOM   331 O "O3'" . DA  B 1 5  ? -6.948  0.681   -7.387  1.00 14.03 ? 17 DA  B "O3'" 1 
ATOM   332 C "C2'" . DA  B 1 5  ? -6.413  -0.297  -5.162  1.00 14.46 ? 17 DA  B "C2'" 1 
ATOM   333 C "C1'" . DA  B 1 5  ? -6.894  0.920   -4.356  1.00 13.86 ? 17 DA  B "C1'" 1 
ATOM   334 N N9    . DA  B 1 5  ? -6.512  0.767   -2.963  1.00 13.39 ? 17 DA  B N9    1 
ATOM   335 C C8    . DA  B 1 5  ? -6.931  -0.310  -2.166  1.00 13.34 ? 17 DA  B C8    1 
ATOM   336 N N7    . DA  B 1 5  ? -6.494  -0.270  -0.920  1.00 13.16 ? 17 DA  B N7    1 
ATOM   337 C C5    . DA  B 1 5  ? -5.716  0.885   -0.897  1.00 12.85 ? 17 DA  B C5    1 
ATOM   338 C C6    . DA  B 1 5  ? -4.973  1.444   0.160   1.00 12.34 ? 17 DA  B C6    1 
ATOM   339 N N6    . DA  B 1 5  ? -4.904  0.883   1.352   1.00 12.18 ? 17 DA  B N6    1 
ATOM   340 N N1    . DA  B 1 5  ? -4.262  2.533   -0.162  1.00 12.21 ? 17 DA  B N1    1 
ATOM   341 C C2    . DA  B 1 5  ? -4.264  3.046   -1.448  1.00 12.78 ? 17 DA  B C2    1 
ATOM   342 N N3    . DA  B 1 5  ? -4.960  2.567   -2.510  1.00 12.52 ? 17 DA  B N3    1 
ATOM   343 C C4    . DA  B 1 5  ? -5.680  1.494   -2.152  1.00 12.99 ? 17 DA  B C4    1 
ATOM   344 P P     . DT  B 1 6  ? -5.477  0.203   -8.069  1.00 13.92 ? 18 DT  B P     1 
ATOM   345 O OP1   . DT  B 1 6  ? -5.012  1.195   -9.025  1.00 12.09 ? 18 DT  B OP1   1 
ATOM   346 O OP2   . DT  B 1 6  ? -5.878  -1.102  -8.516  1.00 13.28 ? 18 DT  B OP2   1 
ATOM   347 O "O5'" . DT  B 1 6  ? -4.653  0.375   -6.635  1.00 13.63 ? 18 DT  B "O5'" 1 
ATOM   348 C "C5'" . DT  B 1 6  ? -4.723  1.701   -6.044  1.00 13.57 ? 18 DT  B "C5'" 1 
ATOM   349 C "C4'" . DT  B 1 6  ? -3.413  2.406   -6.191  1.00 13.66 ? 18 DT  B "C4'" 1 
ATOM   350 O "O4'" . DT  B 1 6  ? -2.636  2.408   -4.966  1.00 12.92 ? 18 DT  B "O4'" 1 
ATOM   351 C "C3'" . DT  B 1 6  ? -2.358  1.740   -7.077  1.00 14.01 ? 18 DT  B "C3'" 1 
ATOM   352 O "O3'" . DT  B 1 6  ? -1.213  2.635   -7.214  1.00 16.57 ? 18 DT  B "O3'" 1 
ATOM   353 C "C2'" . DT  B 1 6  ? -2.154  0.494   -6.207  1.00 12.71 ? 18 DT  B "C2'" 1 
ATOM   354 C "C1'" . DT  B 1 6  ? -1.955  1.116   -4.873  1.00 11.19 ? 18 DT  B "C1'" 1 
ATOM   355 N N1    . DT  B 1 6  ? -2.380  0.352   -3.673  1.00 9.61  ? 18 DT  B N1    1 
ATOM   356 C C2    . DT  B 1 6  ? -1.829  0.861   -2.505  1.00 9.00  ? 18 DT  B C2    1 
ATOM   357 O O2    . DT  B 1 6  ? -1.122  1.851   -2.553  1.00 9.75  ? 18 DT  B O2    1 
ATOM   358 N N3    . DT  B 1 6  ? -2.067  0.253   -1.311  1.00 9.74  ? 18 DT  B N3    1 
ATOM   359 C C4    . DT  B 1 6  ? -2.768  -0.904  -1.236  1.00 9.67  ? 18 DT  B C4    1 
ATOM   360 O O4    . DT  B 1 6  ? -3.014  -1.441  -0.134  1.00 9.74  ? 18 DT  B O4    1 
ATOM   361 C C5    . DT  B 1 6  ? -3.256  -1.471  -2.469  1.00 9.85  ? 18 DT  B C5    1 
ATOM   362 C C7    . DT  B 1 6  ? -4.093  -2.711  -2.310  1.00 10.27 ? 18 DT  B C7    1 
ATOM   363 C C6    . DT  B 1 6  ? -3.038  -0.814  -3.606  1.00 9.39  ? 18 DT  B C6    1 
ATOM   364 P P     . DA  B 1 7  ? 0.016   2.084   -8.083  1.00 20.78 ? 19 DA  B P     1 
ATOM   365 O OP1   . DA  B 1 7  ? 0.478   2.847   -9.331  1.00 20.34 ? 19 DA  B OP1   1 
ATOM   366 O OP2   . DA  B 1 7  ? -0.659  0.826   -8.613  1.00 21.65 ? 19 DA  B OP2   1 
ATOM   367 O "O5'" . DA  B 1 7  ? 1.189   2.003   -7.073  1.00 19.49 ? 19 DA  B "O5'" 1 
ATOM   368 C "C5'" . DA  B 1 7  ? 2.106   3.237   -7.086  1.00 18.05 ? 19 DA  B "C5'" 1 
ATOM   369 C "C4'" . DA  B 1 7  ? 2.411   3.532   -5.625  1.00 17.15 ? 19 DA  B "C4'" 1 
ATOM   370 O "O4'" . DA  B 1 7  ? 1.840   2.531   -4.818  1.00 15.99 ? 19 DA  B "O4'" 1 
ATOM   371 C "C3'" . DA  B 1 7  ? 3.873   3.540   -5.200  1.00 16.75 ? 19 DA  B "C3'" 1 
ATOM   372 O "O3'" . DA  B 1 7  ? 4.386   4.874   -5.370  1.00 18.62 ? 19 DA  B "O3'" 1 
ATOM   373 C "C2'" . DA  B 1 7  ? 3.856   3.019   -3.778  1.00 15.34 ? 19 DA  B "C2'" 1 
ATOM   374 C "C1'" . DA  B 1 7  ? 2.514   2.600   -3.475  1.00 13.91 ? 19 DA  B "C1'" 1 
ATOM   375 N N9    . DA  B 1 7  ? 2.041   1.284   -3.021  1.00 12.41 ? 19 DA  B N9    1 
ATOM   376 C C8    . DA  B 1 7  ? 1.314   0.421   -3.855  1.00 12.34 ? 19 DA  B C8    1 
ATOM   377 N N7    . DA  B 1 7  ? 0.876   -0.654  -3.264  1.00 11.46 ? 19 DA  B N7    1 
ATOM   378 C C5    . DA  B 1 7  ? 1.279   -0.452  -1.961  1.00 11.69 ? 19 DA  B C5    1 
ATOM   379 C C6    . DA  B 1 7  ? 1.068   -1.252  -0.792  1.00 11.89 ? 19 DA  B C6    1 
ATOM   380 N N6    . DA  B 1 7  ? 0.431   -2.393  -0.842  1.00 11.71 ? 19 DA  B N6    1 
ATOM   381 N N1    . DA  B 1 7  ? 1.534   -0.740  0.358   1.00 11.36 ? 19 DA  B N1    1 
ATOM   382 C C2    . DA  B 1 7  ? 2.241   0.427   0.371   1.00 11.98 ? 19 DA  B C2    1 
ATOM   383 N N3    . DA  B 1 7  ? 2.499   1.226   -0.701  1.00 12.52 ? 19 DA  B N3    1 
ATOM   384 C C4    . DA  B 1 7  ? 1.950   0.728   -1.825  1.00 11.65 ? 19 DA  B C4    1 
ATOM   385 P P     . DT  B 1 8  ? 5.970   5.061   -5.207  1.00 24.40 ? 20 DT  B P     1 
ATOM   386 O OP1   . DT  B 1 8  ? 6.410   6.398   -5.097  1.00 22.21 ? 20 DT  B OP1   1 
ATOM   387 O OP2   . DT  B 1 8  ? 6.457   4.328   -6.515  1.00 22.94 ? 20 DT  B OP2   1 
ATOM   388 O "O5'" . DT  B 1 8  ? 6.265   4.003   -3.955  1.00 20.93 ? 20 DT  B "O5'" 1 
ATOM   389 C "C5'" . DT  B 1 8  ? 5.863   4.556   -2.678  1.00 20.12 ? 20 DT  B "C5'" 1 
ATOM   390 C "C4'" . DT  B 1 8  ? 6.667   3.936   -1.612  1.00 19.34 ? 20 DT  B "C4'" 1 
ATOM   391 O "O4'" . DT  B 1 8  ? 6.188   2.668   -1.103  1.00 18.36 ? 20 DT  B "O4'" 1 
ATOM   392 C "C3'" . DT  B 1 8  ? 8.103   3.511   -1.995  1.00 19.71 ? 20 DT  B "C3'" 1 
ATOM   393 O "O3'" . DT  B 1 8  ? 8.713   3.320   -0.735  1.00 20.48 ? 20 DT  B "O3'" 1 
ATOM   394 C "C2'" . DT  B 1 8  ? 7.800   2.242   -2.779  1.00 18.10 ? 20 DT  B "C2'" 1 
ATOM   395 C "C1'" . DT  B 1 8  ? 6.903   1.597   -1.726  1.00 16.92 ? 20 DT  B "C1'" 1 
ATOM   396 N N1    . DT  B 1 8  ? 6.026   0.555   -2.271  1.00 15.65 ? 20 DT  B N1    1 
ATOM   397 C C2    . DT  B 1 8  ? 5.555   -0.347  -1.312  1.00 15.35 ? 20 DT  B C2    1 
ATOM   398 O O2    . DT  B 1 8  ? 5.880   -0.169  -0.116  1.00 16.00 ? 20 DT  B O2    1 
ATOM   399 N N3    . DT  B 1 8  ? 4.799   -1.382  -1.733  1.00 15.01 ? 20 DT  B N3    1 
ATOM   400 C C4    . DT  B 1 8  ? 4.452   -1.571  -3.016  1.00 14.47 ? 20 DT  B C4    1 
ATOM   401 O O4    . DT  B 1 8  ? 3.744   -2.597  -3.288  1.00 14.79 ? 20 DT  B O4    1 
ATOM   402 C C5    . DT  B 1 8  ? 4.920   -0.660  -3.978  1.00 14.82 ? 20 DT  B C5    1 
ATOM   403 C C7    . DT  B 1 8  ? 4.658   -0.895  -5.458  1.00 14.90 ? 20 DT  B C7    1 
ATOM   404 C C6    . DT  B 1 8  ? 5.708   0.338   -3.566  1.00 15.16 ? 20 DT  B C6    1 
ATOM   405 P P     . DC  B 1 9  ? 10.289  3.236   -0.520  1.00 24.81 ? 21 DC  B P     1 
ATOM   406 O OP1   . DC  B 1 9  ? 10.779  4.171   0.575   1.00 21.91 ? 21 DC  B OP1   1 
ATOM   407 O OP2   . DC  B 1 9  ? 10.933  3.265   -1.830  1.00 21.48 ? 21 DC  B OP2   1 
ATOM   408 O "O5'" . DC  B 1 9  ? 10.135  1.779   0.315   1.00 21.64 ? 21 DC  B "O5'" 1 
ATOM   409 C "C5'" . DC  B 1 9  ? 9.452   2.312   1.607   1.00 21.02 ? 21 DC  B "C5'" 1 
ATOM   410 C "C4'" . DC  B 1 9  ? 9.746   1.168   2.512   1.00 20.24 ? 21 DC  B "C4'" 1 
ATOM   411 O "O4'" . DC  B 1 9  ? 8.901   0.081   2.225   1.00 20.34 ? 21 DC  B "O4'" 1 
ATOM   412 C "C3'" . DC  B 1 9  ? 11.187  0.649   2.254   1.00 20.33 ? 21 DC  B "C3'" 1 
ATOM   413 O "O3'" . DC  B 1 9  ? 11.804  0.275   3.448   1.00 19.80 ? 21 DC  B "O3'" 1 
ATOM   414 C "C2'" . DC  B 1 9  ? 10.974  -0.462  1.244   1.00 19.72 ? 21 DC  B "C2'" 1 
ATOM   415 C "C1'" . DC  B 1 9  ? 9.672   -1.060  1.803   1.00 19.10 ? 21 DC  B "C1'" 1 
ATOM   416 N N1    . DC  B 1 9  ? 9.064   -1.876  0.742   1.00 18.44 ? 21 DC  B N1    1 
ATOM   417 C C2    . DC  B 1 9  ? 8.437   -3.071  1.110   1.00 17.98 ? 21 DC  B C2    1 
ATOM   418 O O2    . DC  B 1 9  ? 8.413   -3.387  2.301   1.00 17.27 ? 21 DC  B O2    1 
ATOM   419 N N3    . DC  B 1 9  ? 7.882   -3.834  0.131   1.00 17.04 ? 21 DC  B N3    1 
ATOM   420 C C4    . DC  B 1 9  ? 7.950   -3.493  -1.166  1.00 17.50 ? 21 DC  B C4    1 
ATOM   421 N N4    . DC  B 1 9  ? 7.478   -4.252  -2.147  1.00 16.81 ? 21 DC  B N4    1 
ATOM   422 C C5    . DC  B 1 9  ? 8.597   -2.267  -1.541  1.00 17.56 ? 21 DC  B C5    1 
ATOM   423 C C6    . DC  B 1 9  ? 9.113   -1.505  -0.571  1.00 17.79 ? 21 DC  B C6    1 
ATOM   424 P P     . DG  B 1 10 ? 13.351  -0.009  3.556   1.00 21.01 ? 22 DG  B P     1 
ATOM   425 O OP1   . DG  B 1 10 ? 13.659  0.282   5.116   1.00 20.61 ? 22 DG  B OP1   1 
ATOM   426 O OP2   . DG  B 1 10 ? 14.167  0.566   2.602   1.00 19.97 ? 22 DG  B OP2   1 
ATOM   427 O "O5'" . DG  B 1 10 ? 13.208  -1.676  3.509   1.00 18.94 ? 22 DG  B "O5'" 1 
ATOM   428 C "C5'" . DG  B 1 10 ? 12.612  -2.102  4.818   1.00 16.97 ? 22 DG  B "C5'" 1 
ATOM   429 C "C4'" . DG  B 1 10 ? 12.682  -3.592  4.808   1.00 16.42 ? 22 DG  B "C4'" 1 
ATOM   430 O "O4'" . DG  B 1 10 ? 11.921  -4.108  3.741   1.00 15.78 ? 22 DG  B "O4'" 1 
ATOM   431 C "C3'" . DG  B 1 10 ? 14.061  -4.202  4.557   1.00 16.79 ? 22 DG  B "C3'" 1 
ATOM   432 O "O3'" . DG  B 1 10 ? 14.051  -5.588  4.925   1.00 17.39 ? 22 DG  B "O3'" 1 
ATOM   433 C "C2'" . DG  B 1 10 ? 14.208  -4.102  3.028   1.00 15.90 ? 22 DG  B "C2'" 1 
ATOM   434 C "C1'" . DG  B 1 10 ? 12.806  -4.683  2.752   1.00 15.10 ? 22 DG  B "C1'" 1 
ATOM   435 N N9    . DG  B 1 10 ? 12.409  -4.467  1.376   1.00 14.07 ? 22 DG  B N9    1 
ATOM   436 C C8    . DG  B 1 10 ? 12.834  -3.581  0.438   1.00 14.19 ? 22 DG  B C8    1 
ATOM   437 N N7    . DG  B 1 10 ? 12.267  -3.747  -0.761  1.00 14.54 ? 22 DG  B N7    1 
ATOM   438 C C5    . DG  B 1 10 ? 11.449  -4.879  -0.565  1.00 13.99 ? 22 DG  B C5    1 
ATOM   439 C C6    . DG  B 1 10 ? 10.598  -5.596  -1.448  1.00 13.70 ? 22 DG  B C6    1 
ATOM   440 O O6    . DG  B 1 10 ? 10.379  -5.380  -2.655  1.00 12.88 ? 22 DG  B O6    1 
ATOM   441 N N1    . DG  B 1 10 ? 9.967   -6.658  -0.850  1.00 13.32 ? 22 DG  B N1    1 
ATOM   442 C C2    . DG  B 1 10 ? 10.144  -7.008  0.439   1.00 12.86 ? 22 DG  B C2    1 
ATOM   443 N N2    . DG  B 1 10 ? 9.467   -8.077  0.871   1.00 12.71 ? 22 DG  B N2    1 
ATOM   444 N N3    . DG  B 1 10 ? 10.881  -6.352  1.311   1.00 13.28 ? 22 DG  B N3    1 
ATOM   445 C C4    . DG  B 1 10 ? 11.526  -5.315  0.734   1.00 13.68 ? 22 DG  B C4    1 
ATOM   446 P P     . DC  B 1 11 ? 15.463  -6.063  5.501   1.00 21.93 ? 23 DC  B P     1 
ATOM   447 O OP1   . DC  B 1 11 ? 15.526  -5.721  6.943   1.00 19.57 ? 23 DC  B OP1   1 
ATOM   448 O OP2   . DC  B 1 11 ? 16.407  -5.205  4.605   1.00 20.25 ? 23 DC  B OP2   1 
ATOM   449 O "O5'" . DC  B 1 11 ? 15.502  -7.583  5.104   1.00 20.41 ? 23 DC  B "O5'" 1 
ATOM   450 C "C5'" . DC  B 1 11 ? 14.431  -8.455  5.725   1.00 19.75 ? 23 DC  B "C5'" 1 
ATOM   451 C "C4'" . DC  B 1 11 ? 13.843  -9.226  4.591   1.00 19.29 ? 23 DC  B "C4'" 1 
ATOM   452 O "O4'" . DC  B 1 11 ? 13.966  -8.435  3.375   1.00 17.68 ? 23 DC  B "O4'" 1 
ATOM   453 C "C3'" . DC  B 1 11 ? 14.495  -10.500 4.049   1.00 19.43 ? 23 DC  B "C3'" 1 
ATOM   454 O "O3'" . DC  B 1 11 ? 14.384  -11.633 4.874   1.00 21.02 ? 23 DC  B "O3'" 1 
ATOM   455 C "C2'" . DC  B 1 11 ? 13.744  -10.668 2.722   1.00 18.45 ? 23 DC  B "C2'" 1 
ATOM   456 C "C1'" . DC  B 1 11 ? 13.183  -9.291  2.496   1.00 17.52 ? 23 DC  B "C1'" 1 
ATOM   457 N N1    . DC  B 1 11 ? 13.330  -8.820  1.124   1.00 16.47 ? 23 DC  B N1    1 
ATOM   458 C C2    . DC  B 1 11 ? 12.471  -9.322  0.167   1.00 16.43 ? 23 DC  B C2    1 
ATOM   459 O O2    . DC  B 1 11 ? 11.639  -10.150 0.544   1.00 16.88 ? 23 DC  B O2    1 
ATOM   460 N N3    . DC  B 1 11 ? 12.626  -8.900  -1.129  1.00 16.31 ? 23 DC  B N3    1 
ATOM   461 C C4    . DC  B 1 11 ? 13.582  -7.991  -1.460  1.00 16.38 ? 23 DC  B C4    1 
ATOM   462 N N4    . DC  B 1 11 ? 13.728  -7.538  -2.697  1.00 16.61 ? 23 DC  B N4    1 
ATOM   463 C C5    . DC  B 1 11 ? 14.478  -7.480  -0.485  1.00 15.98 ? 23 DC  B C5    1 
ATOM   464 C C6    . DC  B 1 11 ? 14.300  -7.926  0.782   1.00 16.54 ? 23 DC  B C6    1 
ATOM   465 P P     . DG  B 1 12 ? 15.629  -12.210 5.700   1.00 25.73 ? 24 DG  B P     1 
ATOM   466 O OP1   . DG  B 1 12 ? 15.201  -11.995 7.223   1.00 25.05 ? 24 DG  B OP1   1 
ATOM   467 O OP2   . DG  B 1 12 ? 16.803  -11.376 5.421   1.00 24.81 ? 24 DG  B OP2   1 
ATOM   468 O "O5'" . DG  B 1 12 ? 15.729  -13.730 5.273   1.00 22.50 ? 24 DG  B "O5'" 1 
ATOM   469 C "C5'" . DG  B 1 12 ? 14.620  -14.578 4.962   1.00 21.51 ? 24 DG  B "C5'" 1 
ATOM   470 C "C4'" . DG  B 1 12 ? 14.362  -14.660 3.494   1.00 20.49 ? 24 DG  B "C4'" 1 
ATOM   471 O "O4'" . DG  B 1 12 ? 14.746  -13.417 2.874   1.00 19.95 ? 24 DG  B "O4'" 1 
ATOM   472 C "C3'" . DG  B 1 12 ? 15.093  -15.691 2.658   1.00 20.03 ? 24 DG  B "C3'" 1 
ATOM   473 O "O3'" . DG  B 1 12 ? 14.443  -16.973 2.525   1.00 20.29 ? 24 DG  B "O3'" 1 
ATOM   474 C "C2'" . DG  B 1 12 ? 15.187  -15.065 1.252   1.00 19.66 ? 24 DG  B "C2'" 1 
ATOM   475 C "C1'" . DG  B 1 12 ? 14.543  -13.765 1.418   1.00 19.19 ? 24 DG  B "C1'" 1 
ATOM   476 N N9    . DG  B 1 12 ? 15.141  -12.662 0.699   1.00 18.18 ? 24 DG  B N9    1 
ATOM   477 C C8    . DG  B 1 12 ? 15.909  -11.677 1.299   1.00 18.07 ? 24 DG  B C8    1 
ATOM   478 N N7    . DG  B 1 12 ? 16.309  -10.751 0.487   1.00 18.01 ? 24 DG  B N7    1 
ATOM   479 C C5    . DG  B 1 12 ? 15.717  -11.122 -0.730  1.00 17.87 ? 24 DG  B C5    1 
ATOM   480 C C6    . DG  B 1 12 ? 15.744  -10.501 -1.988  1.00 17.89 ? 24 DG  B C6    1 
ATOM   481 O O6    . DG  B 1 12 ? 16.337  -9.435  -2.250  1.00 18.50 ? 24 DG  B O6    1 
ATOM   482 N N1    . DG  B 1 12 ? 14.986  -11.140 -2.930  1.00 18.11 ? 24 DG  B N1    1 
ATOM   483 C C2    . DG  B 1 12 ? 14.322  -12.298 -2.671  1.00 17.82 ? 24 DG  B C2    1 
ATOM   484 N N2    . DG  B 1 12 ? 13.634  -12.823 -3.713  1.00 18.34 ? 24 DG  B N2    1 
ATOM   485 N N3    . DG  B 1 12 ? 14.271  -12.933 -1.509  1.00 17.93 ? 24 DG  B N3    1 
ATOM   486 C C4    . DG  B 1 12 ? 14.986  -12.278 -0.579  1.00 18.02 ? 24 DG  B C4    1 
HETATM 487 C C1    . NT  C 2 .  ? 8.318   -4.053  5.641   1.00 44.41 ? 25 NT  B C1    1 
HETATM 488 N N1    . NT  C 2 .  ? 7.802   -5.193  5.288   1.00 44.47 ? 25 NT  B N1    1 
HETATM 489 N N2    . NT  C 2 .  ? 9.547   -4.050  6.181   1.00 44.31 ? 25 NT  B N2    1 
HETATM 490 N N3    . NT  C 2 .  ? 7.672   -2.917  5.519   1.00 44.56 ? 25 NT  B N3    1 
HETATM 491 C C2    . NT  C 2 .  ? 6.490   -2.517  4.899   1.00 44.65 ? 25 NT  B C2    1 
HETATM 492 C C3    . NT  C 2 .  ? 6.563   -0.963  4.876   1.00 44.85 ? 25 NT  B C3    1 
HETATM 493 O O1    . NT  C 2 .  ? 6.863   -0.419  5.952   1.00 44.40 ? 25 NT  B O1    1 
HETATM 494 N N4    . NT  C 2 .  ? 6.298   -0.384  3.738   1.00 45.12 ? 25 NT  B N4    1 
HETATM 495 C C4    . NT  C 2 .  ? 6.329   0.990   3.407   1.00 45.43 ? 25 NT  B C4    1 
HETATM 496 C C5    . NT  C 2 .  ? 5.636   1.474   2.348   1.00 45.98 ? 25 NT  B C5    1 
HETATM 497 C C6    . NT  C 2 .  ? 5.868   2.823   2.250   1.00 46.30 ? 25 NT  B C6    1 
HETATM 498 N N5    . NT  C 2 .  ? 6.728   3.139   3.255   1.00 45.90 ? 25 NT  B N5    1 
HETATM 499 C C8    . NT  C 2 .  ? 7.331   4.427   3.649   1.00 45.71 ? 25 NT  B C8    1 
HETATM 500 C C7    . NT  C 2 .  ? 7.040   1.992   3.966   1.00 45.45 ? 25 NT  B C7    1 
HETATM 501 C C9    . NT  C 2 .  ? 5.316   3.833   1.320   1.00 46.75 ? 25 NT  B C9    1 
HETATM 502 O O2    . NT  C 2 .  ? 5.795   4.978   1.188   1.00 47.70 ? 25 NT  B O2    1 
HETATM 503 N N6    . NT  C 2 .  ? 4.232   3.556   0.568   1.00 47.07 ? 25 NT  B N6    1 
HETATM 504 C C10   . NT  C 2 .  ? 3.642   4.554   -0.318  1.00 46.32 ? 25 NT  B C10   1 
HETATM 505 C C11   . NT  C 2 .  ? 2.422   4.375   -0.995  1.00 46.34 ? 25 NT  B C11   1 
HETATM 506 C C12   . NT  C 2 .  ? 2.108   5.533   -1.692  1.00 46.23 ? 25 NT  B C12   1 
HETATM 507 N N7    . NT  C 2 .  ? 3.233   6.388   -1.410  1.00 46.35 ? 25 NT  B N7    1 
HETATM 508 C C14   . NT  C 2 .  ? 3.397   7.724   -1.964  1.00 46.66 ? 25 NT  B C14   1 
HETATM 509 C C13   . NT  C 2 .  ? 4.097   5.796   -0.604  1.00 46.13 ? 25 NT  B C13   1 
HETATM 510 C C15   . NT  C 2 .  ? 1.140   6.064   -2.597  1.00 45.88 ? 25 NT  B C15   1 
HETATM 511 O O3    . NT  C 2 .  ? 1.463   6.943   -3.456  1.00 45.75 ? 25 NT  B O3    1 
HETATM 512 N N8    . NT  C 2 .  ? -0.158  5.704   -2.677  1.00 46.03 ? 25 NT  B N8    1 
HETATM 513 C C16   . NT  C 2 .  ? -0.985  6.498   -3.695  1.00 46.24 ? 25 NT  B C16   1 
HETATM 514 C C17   . NT  C 2 .  ? -2.178  5.895   -4.281  1.00 46.00 ? 25 NT  B C17   1 
HETATM 515 C C18   . NT  C 2 .  ? -3.276  5.503   -3.305  1.00 46.26 ? 25 NT  B C18   1 
HETATM 516 N N9    . NT  C 2 .  ? -4.409  4.961   -3.745  1.00 46.02 ? 25 NT  B N9    1 
HETATM 517 N N10   . NT  C 2 .  ? -3.094  5.674   -2.026  1.00 46.14 ? 25 NT  B N10   1 
HETATM 518 O O     . HOH D 3 .  ? 0.513   14.419  -4.729  1.00 21.25 ? 29 HOH A O     1 
HETATM 519 O O     . HOH D 3 .  ? -2.810  15.547  -3.644  1.00 22.30 ? 30 HOH A O     1 
HETATM 520 O O     . HOH D 3 .  ? -10.621 8.875   -12.884 1.00 16.82 ? 33 HOH A O     1 
HETATM 521 O O     . HOH D 3 .  ? 8.052   13.378  -2.590  1.00 30.77 ? 36 HOH A O     1 
HETATM 522 O O     . HOH D 3 .  ? 6.560   11.798  0.855   1.00 42.93 ? 37 HOH A O     1 
HETATM 523 O O     . HOH D 3 .  ? 16.470  -5.126  -5.233  1.00 34.80 ? 40 HOH A O     1 
HETATM 524 O O     . HOH D 3 .  ? -19.033 4.643   -9.542  1.00 18.77 ? 41 HOH A O     1 
HETATM 525 O O     . HOH D 3 .  ? -1.480  -8.676  -6.896  1.00 27.47 ? 44 HOH A O     1 
HETATM 526 O O     . HOH D 3 .  ? -1.652  -7.120  -0.706  1.00 60.11 ? 45 HOH A O     1 
HETATM 527 O O     . HOH D 3 .  ? -1.034  -9.279  -3.674  1.00 34.27 ? 46 HOH A O     1 
HETATM 528 O O     . HOH D 3 .  ? -0.045  -6.380  10.112  1.00 41.21 ? 47 HOH A O     1 
HETATM 529 O O     . HOH D 3 .  ? 4.259   -3.724  -9.903  1.00 32.85 ? 48 HOH A O     1 
HETATM 530 O O     . HOH D 3 .  ? -1.033  -11.830 8.823   1.00 41.63 ? 49 HOH A O     1 
HETATM 531 O O     . HOH D 3 .  ? 4.204   -7.953  -11.068 1.00 21.87 ? 53 HOH A O     1 
HETATM 532 O O     . HOH D 3 .  ? -2.842  8.161   5.974   1.00 18.94 ? 55 HOH A O     1 
HETATM 533 O O     . HOH D 3 .  ? -9.265  6.104   -10.578 1.00 40.15 ? 57 HOH A O     1 
HETATM 534 O O     . HOH D 3 .  ? 4.775   -2.563  -12.337 1.00 12.43 ? 61 HOH A O     1 
HETATM 535 O O     . HOH D 3 .  ? 2.500   -0.962  13.047  1.00 33.51 ? 62 HOH A O     1 
HETATM 536 O O     . HOH D 3 .  ? 6.110   -6.767  -13.613 1.00 50.04 ? 63 HOH A O     1 
HETATM 537 O O     . HOH D 3 .  ? 3.007   -8.600  -13.761 1.00 44.96 ? 65 HOH A O     1 
HETATM 538 O O     . HOH D 3 .  ? 3.352   -6.512  -5.263  1.00 35.60 ? 66 HOH A O     1 
HETATM 539 O O     . HOH D 3 .  ? 8.337   8.813   4.294   1.00 28.50 ? 69 HOH A O     1 
HETATM 540 O O     . HOH D 3 .  ? -2.438  -6.423  -9.714  1.00 41.94 ? 71 HOH A O     1 
HETATM 541 O O     . HOH D 3 .  ? -0.527  -3.818  -13.490 1.00 45.46 ? 72 HOH A O     1 
HETATM 542 O O     . HOH D 3 .  ? -3.393  8.587   -11.446 1.00 44.86 ? 77 HOH A O     1 
HETATM 543 O O     . HOH D 3 .  ? 2.520   -5.917  -9.870  1.00 31.29 ? 82 HOH A O     1 
HETATM 544 O O     . HOH D 3 .  ? 0.759   -9.446  -10.041 1.00 38.86 ? 83 HOH A O     1 
HETATM 545 O O     . HOH D 3 .  ? -12.114 15.461  -2.246  1.00 45.21 ? 84 HOH A O     1 
HETATM 546 O O     . HOH E 3 .  ? -7.398  7.002   7.243   1.00 34.05 ? 26 HOH B O     1 
HETATM 547 O O     . HOH E 3 .  ? -12.047 1.061   13.017  1.00 19.66 ? 27 HOH B O     1 
HETATM 548 O O     . HOH E 3 .  ? -15.973 -6.079  3.159   1.00 41.37 ? 28 HOH B O     1 
HETATM 549 O O     . HOH E 3 .  ? -6.164  13.316  5.103   1.00 29.18 ? 31 HOH B O     1 
HETATM 550 O O     . HOH E 3 .  ? 18.247  -5.990  2.524   1.00 40.89 ? 32 HOH B O     1 
HETATM 551 O O     . HOH E 3 .  ? -6.662  -2.333  7.086   1.00 24.22 ? 34 HOH B O     1 
HETATM 552 O O     . HOH E 3 .  ? -6.927  -4.594  3.589   1.00 42.81 ? 35 HOH B O     1 
HETATM 553 O O     . HOH E 3 .  ? -4.276  -5.944  -0.295  1.00 7.74  ? 38 HOH B O     1 
HETATM 554 O O     . HOH E 3 .  ? -15.497 9.513   16.130  1.00 38.16 ? 39 HOH B O     1 
HETATM 555 O O     . HOH E 3 .  ? 14.877  -0.388  9.808   1.00 24.40 ? 42 HOH B O     1 
HETATM 556 O O     . HOH E 3 .  ? -0.019  -2.647  -5.771  1.00 38.97 ? 43 HOH B O     1 
HETATM 557 O O     . HOH E 3 .  ? 12.431  3.572   7.322   1.00 27.25 ? 50 HOH B O     1 
HETATM 558 O O     . HOH E 3 .  ? 11.631  5.821   -5.478  1.00 22.77 ? 51 HOH B O     1 
HETATM 559 O O     . HOH E 3 .  ? 14.956  3.596   -1.999  1.00 24.28 ? 52 HOH B O     1 
HETATM 560 O O     . HOH E 3 .  ? -10.677 0.016   15.266  1.00 47.60 ? 54 HOH B O     1 
HETATM 561 O O     . HOH E 3 .  ? -7.328  0.984   10.413  1.00 52.33 ? 56 HOH B O     1 
HETATM 562 O O     . HOH E 3 .  ? -5.888  0.747   7.867   1.00 35.48 ? 58 HOH B O     1 
HETATM 563 O O     . HOH E 3 .  ? -9.130  15.577  10.134  1.00 33.74 ? 59 HOH B O     1 
HETATM 564 O O     . HOH E 3 .  ? 3.328   8.791   -7.593  1.00 21.95 ? 60 HOH B O     1 
HETATM 565 O O     . HOH E 3 .  ? 12.387  8.011   0.658   1.00 14.06 ? 64 HOH B O     1 
HETATM 566 O O     . HOH E 3 .  ? 11.299  9.183   -4.773  1.00 42.33 ? 67 HOH B O     1 
HETATM 567 O O     . HOH E 3 .  ? 9.192   7.863   -7.139  1.00 20.35 ? 68 HOH B O     1 
HETATM 568 O O     . HOH E 3 .  ? -1.204  -5.003  -4.583  1.00 40.41 ? 70 HOH B O     1 
HETATM 569 O O     . HOH E 3 .  ? -16.598 9.337   13.547  1.00 24.50 ? 73 HOH B O     1 
HETATM 570 O O     . HOH E 3 .  ? -4.720  -5.175  6.765   1.00 31.13 ? 74 HOH B O     1 
HETATM 571 O O     . HOH E 3 .  ? -10.361 13.637  7.699   1.00 26.99 ? 75 HOH B O     1 
HETATM 572 O O     . HOH E 3 .  ? -7.967  0.272   4.694   1.00 44.89 ? 76 HOH B O     1 
HETATM 573 O O     . HOH E 3 .  ? -15.537 -2.173  11.059  1.00 32.37 ? 78 HOH B O     1 
HETATM 574 O O     . HOH E 3 .  ? -16.794 -3.674  7.720   1.00 44.79 ? 79 HOH B O     1 
HETATM 575 O O     . HOH E 3 .  ? -14.007 -6.604  0.359   1.00 34.36 ? 80 HOH B O     1 
HETATM 576 O O     . HOH E 3 .  ? -11.807 2.852   10.898  1.00 35.33 ? 81 HOH B O     1 
HETATM 577 O O     . HOH E 3 .  ? 17.893  -0.916  2.629   1.00 35.55 ? 85 HOH B O     1 
# 
